data_4LPX
# 
_entry.id   4LPX 
# 
_audit_conform.dict_name       mmcif_pdbx.dic 
_audit_conform.dict_version    5.379 
_audit_conform.dict_location   http://mmcif.pdb.org/dictionaries/ascii/mmcif_pdbx.dic 
# 
loop_
_database_2.database_id 
_database_2.database_code 
_database_2.pdbx_database_accession 
_database_2.pdbx_DOI 
PDB   4LPX         pdb_00004lpx 10.2210/pdb4lpx/pdb 
RCSB  RCSB080937   ?            ?                   
WWPDB D_1000080937 ?            ?                   
# 
loop_
_pdbx_database_related.db_name 
_pdbx_database_related.db_id 
_pdbx_database_related.details 
_pdbx_database_related.content_type 
PDB 4LPT . unspecified 
PDB 4LPU . unspecified 
PDB 4LPV . unspecified 
PDB 4LPW . unspecified 
PDB 4LPY . unspecified 
# 
_pdbx_database_status.status_code                     REL 
_pdbx_database_status.entry_id                        4LPX 
_pdbx_database_status.recvd_initial_deposition_date   2013-07-16 
_pdbx_database_status.deposit_site                    RCSB 
_pdbx_database_status.process_site                    RCSB 
_pdbx_database_status.status_code_sf                  REL 
_pdbx_database_status.status_code_mr                  ? 
_pdbx_database_status.SG_entry                        ? 
_pdbx_database_status.status_code_cs                  ? 
_pdbx_database_status.methods_development_category    ? 
_pdbx_database_status.pdb_format_compatible           Y 
_pdbx_database_status.status_code_nmr_data            ? 
# 
loop_
_audit_author.name 
_audit_author.pdbx_ordinal 
'Teplyakov, A.'   1 
'Obmolova, G.'    2 
'Gilliland, G.L.' 3 
# 
_citation.id                        primary 
_citation.title                     'C-terminal beta-strand swapping in a consensus-derived fibronectin Type III scaffold.' 
_citation.journal_abbrev            Proteins 
_citation.journal_volume            82 
_citation.page_first                1359 
_citation.page_last                 1369 
_citation.year                      2014 
_citation.journal_id_ASTM           PSFGEY 
_citation.country                   US 
_citation.journal_id_ISSN           0887-3585 
_citation.journal_id_CSD            0867 
_citation.book_publisher            ? 
_citation.pdbx_database_id_PubMed   24375666 
_citation.pdbx_database_id_DOI      10.1002/prot.24502 
# 
loop_
_citation_author.citation_id 
_citation_author.name 
_citation_author.ordinal 
_citation_author.identifier_ORCID 
primary 'Teplyakov, A.'   1  ? 
primary 'Obmolova, G.'    2  ? 
primary 'Malia, T.J.'     3  ? 
primary 'Luo, J.'         4  ? 
primary 'Jacobs, S.A.'    5  ? 
primary 'Chan, W.'        6  ? 
primary 'Domingo, D.'     7  ? 
primary 'Baker, A.'       8  ? 
primary 
;O'Neil, K.T.
;
9  ? 
primary 'Gilliland, G.L.' 10 ? 
# 
_cell.entry_id           4LPX 
_cell.length_a           100.630 
_cell.length_b           100.630 
_cell.length_c           100.630 
_cell.angle_alpha        90.00 
_cell.angle_beta         90.00 
_cell.angle_gamma        90.00 
_cell.Z_PDB              24 
_cell.pdbx_unique_axis   ? 
_cell.length_a_esd       ? 
_cell.length_b_esd       ? 
_cell.length_c_esd       ? 
_cell.angle_alpha_esd    ? 
_cell.angle_beta_esd     ? 
_cell.angle_gamma_esd    ? 
# 
_symmetry.entry_id                         4LPX 
_symmetry.space_group_name_H-M             'P 41 3 2' 
_symmetry.pdbx_full_space_group_name_H-M   ? 
_symmetry.cell_setting                     ? 
_symmetry.Int_Tables_number                213 
_symmetry.space_group_name_Hall            ? 
# 
loop_
_entity.id 
_entity.type 
_entity.src_method 
_entity.pdbx_description 
_entity.formula_weight 
_entity.pdbx_number_of_molecules 
_entity.pdbx_ec 
_entity.pdbx_mutation 
_entity.pdbx_fragment 
_entity.details 
1 polymer man 'TENCON variant D4' 10987.189 1  ? ? ? ? 
2 water   nat water               18.015    91 ? ? ? ? 
# 
_entity_poly.entity_id                      1 
_entity_poly.type                           'polypeptide(L)' 
_entity_poly.nstd_linkage                   no 
_entity_poly.nstd_monomer                   no 
_entity_poly.pdbx_seq_one_letter_code       
;MLPAPKNLVVSEVTEDSLRLSWTAPDAAFDSFLIQYQESEKVGEAINLTVPGSERSYDLTGLKPGTEYTVSIYGVLIPFP
NLSNPLSAEFTTGGHHHHHH
;
_entity_poly.pdbx_seq_one_letter_code_can   
;MLPAPKNLVVSEVTEDSLRLSWTAPDAAFDSFLIQYQESEKVGEAINLTVPGSERSYDLTGLKPGTEYTVSIYGVLIPFP
NLSNPLSAEFTTGGHHHHHH
;
_entity_poly.pdbx_strand_id                 A 
_entity_poly.pdbx_target_identifier         ? 
# 
loop_
_entity_poly_seq.entity_id 
_entity_poly_seq.num 
_entity_poly_seq.mon_id 
_entity_poly_seq.hetero 
1 1   MET n 
1 2   LEU n 
1 3   PRO n 
1 4   ALA n 
1 5   PRO n 
1 6   LYS n 
1 7   ASN n 
1 8   LEU n 
1 9   VAL n 
1 10  VAL n 
1 11  SER n 
1 12  GLU n 
1 13  VAL n 
1 14  THR n 
1 15  GLU n 
1 16  ASP n 
1 17  SER n 
1 18  LEU n 
1 19  ARG n 
1 20  LEU n 
1 21  SER n 
1 22  TRP n 
1 23  THR n 
1 24  ALA n 
1 25  PRO n 
1 26  ASP n 
1 27  ALA n 
1 28  ALA n 
1 29  PHE n 
1 30  ASP n 
1 31  SER n 
1 32  PHE n 
1 33  LEU n 
1 34  ILE n 
1 35  GLN n 
1 36  TYR n 
1 37  GLN n 
1 38  GLU n 
1 39  SER n 
1 40  GLU n 
1 41  LYS n 
1 42  VAL n 
1 43  GLY n 
1 44  GLU n 
1 45  ALA n 
1 46  ILE n 
1 47  ASN n 
1 48  LEU n 
1 49  THR n 
1 50  VAL n 
1 51  PRO n 
1 52  GLY n 
1 53  SER n 
1 54  GLU n 
1 55  ARG n 
1 56  SER n 
1 57  TYR n 
1 58  ASP n 
1 59  LEU n 
1 60  THR n 
1 61  GLY n 
1 62  LEU n 
1 63  LYS n 
1 64  PRO n 
1 65  GLY n 
1 66  THR n 
1 67  GLU n 
1 68  TYR n 
1 69  THR n 
1 70  VAL n 
1 71  SER n 
1 72  ILE n 
1 73  TYR n 
1 74  GLY n 
1 75  VAL n 
1 76  LEU n 
1 77  ILE n 
1 78  PRO n 
1 79  PHE n 
1 80  PRO n 
1 81  ASN n 
1 82  LEU n 
1 83  SER n 
1 84  ASN n 
1 85  PRO n 
1 86  LEU n 
1 87  SER n 
1 88  ALA n 
1 89  GLU n 
1 90  PHE n 
1 91  THR n 
1 92  THR n 
1 93  GLY n 
1 94  GLY n 
1 95  HIS n 
1 96  HIS n 
1 97  HIS n 
1 98  HIS n 
1 99  HIS n 
1 100 HIS n 
# 
_entity_src_gen.entity_id                          1 
_entity_src_gen.pdbx_src_id                        1 
_entity_src_gen.pdbx_alt_source_flag               sample 
_entity_src_gen.pdbx_seq_type                      ? 
_entity_src_gen.pdbx_beg_seq_num                   ? 
_entity_src_gen.pdbx_end_seq_num                   ? 
_entity_src_gen.gene_src_common_name               ? 
_entity_src_gen.gene_src_genus                     ? 
_entity_src_gen.pdbx_gene_src_gene                 ? 
_entity_src_gen.gene_src_species                   ? 
_entity_src_gen.gene_src_strain                    ? 
_entity_src_gen.gene_src_tissue                    ? 
_entity_src_gen.gene_src_tissue_fraction           ? 
_entity_src_gen.gene_src_details                   ? 
_entity_src_gen.pdbx_gene_src_fragment             ? 
_entity_src_gen.pdbx_gene_src_scientific_name      'artificial gene' 
_entity_src_gen.pdbx_gene_src_ncbi_taxonomy_id     32630 
_entity_src_gen.pdbx_gene_src_variant              ? 
_entity_src_gen.pdbx_gene_src_cell_line            ? 
_entity_src_gen.pdbx_gene_src_atcc                 ? 
_entity_src_gen.pdbx_gene_src_organ                ? 
_entity_src_gen.pdbx_gene_src_organelle            ? 
_entity_src_gen.pdbx_gene_src_cell                 ? 
_entity_src_gen.pdbx_gene_src_cellular_location    ? 
_entity_src_gen.host_org_common_name               ? 
_entity_src_gen.pdbx_host_org_scientific_name      'Escherichia coli' 
_entity_src_gen.pdbx_host_org_ncbi_taxonomy_id     562 
_entity_src_gen.host_org_genus                     ? 
_entity_src_gen.pdbx_host_org_gene                 ? 
_entity_src_gen.pdbx_host_org_organ                ? 
_entity_src_gen.host_org_species                   ? 
_entity_src_gen.pdbx_host_org_tissue               ? 
_entity_src_gen.pdbx_host_org_tissue_fraction      ? 
_entity_src_gen.pdbx_host_org_strain               ? 
_entity_src_gen.pdbx_host_org_variant              ? 
_entity_src_gen.pdbx_host_org_cell_line            ? 
_entity_src_gen.pdbx_host_org_atcc                 ? 
_entity_src_gen.pdbx_host_org_culture_collection   ? 
_entity_src_gen.pdbx_host_org_cell                 ? 
_entity_src_gen.pdbx_host_org_organelle            ? 
_entity_src_gen.pdbx_host_org_cellular_location    ? 
_entity_src_gen.pdbx_host_org_vector_type          ? 
_entity_src_gen.pdbx_host_org_vector               ? 
_entity_src_gen.host_org_details                   ? 
_entity_src_gen.expression_system_id               ? 
_entity_src_gen.plasmid_name                       ? 
_entity_src_gen.plasmid_details                    ? 
_entity_src_gen.pdbx_description                   ? 
# 
_struct_ref.id                         1 
_struct_ref.db_name                    PDB 
_struct_ref.db_code                    4LPX 
_struct_ref.pdbx_db_accession          4LPX 
_struct_ref.entity_id                  1 
_struct_ref.pdbx_align_begin           1 
_struct_ref.pdbx_seq_one_letter_code   
;MLPAPKNLVVSEVTEDSLRLSWTAPDAAFDSFLIQYQESEKVGEAINLTVPGSERSYDLTGLKPGTEYTVSIYGVLIPFP
NLSNPLSAEFTTGGHHHHHH
;
_struct_ref.pdbx_db_isoform            ? 
# 
_struct_ref_seq.align_id                      1 
_struct_ref_seq.ref_id                        1 
_struct_ref_seq.pdbx_PDB_id_code              4LPX 
_struct_ref_seq.pdbx_strand_id                A 
_struct_ref_seq.seq_align_beg                 1 
_struct_ref_seq.pdbx_seq_align_beg_ins_code   ? 
_struct_ref_seq.seq_align_end                 100 
_struct_ref_seq.pdbx_seq_align_end_ins_code   ? 
_struct_ref_seq.pdbx_db_accession             4LPX 
_struct_ref_seq.db_align_beg                  1 
_struct_ref_seq.pdbx_db_align_beg_ins_code    ? 
_struct_ref_seq.db_align_end                  100 
_struct_ref_seq.pdbx_db_align_end_ins_code    ? 
_struct_ref_seq.pdbx_auth_seq_align_beg       1 
_struct_ref_seq.pdbx_auth_seq_align_end       100 
# 
loop_
_chem_comp.id 
_chem_comp.type 
_chem_comp.mon_nstd_flag 
_chem_comp.name 
_chem_comp.pdbx_synonyms 
_chem_comp.formula 
_chem_comp.formula_weight 
ALA 'L-peptide linking' y ALANINE         ? 'C3 H7 N O2'     89.093  
ARG 'L-peptide linking' y ARGININE        ? 'C6 H15 N4 O2 1' 175.209 
ASN 'L-peptide linking' y ASPARAGINE      ? 'C4 H8 N2 O3'    132.118 
ASP 'L-peptide linking' y 'ASPARTIC ACID' ? 'C4 H7 N O4'     133.103 
GLN 'L-peptide linking' y GLUTAMINE       ? 'C5 H10 N2 O3'   146.144 
GLU 'L-peptide linking' y 'GLUTAMIC ACID' ? 'C5 H9 N O4'     147.129 
GLY 'peptide linking'   y GLYCINE         ? 'C2 H5 N O2'     75.067  
HIS 'L-peptide linking' y HISTIDINE       ? 'C6 H10 N3 O2 1' 156.162 
HOH non-polymer         . WATER           ? 'H2 O'           18.015  
ILE 'L-peptide linking' y ISOLEUCINE      ? 'C6 H13 N O2'    131.173 
LEU 'L-peptide linking' y LEUCINE         ? 'C6 H13 N O2'    131.173 
LYS 'L-peptide linking' y LYSINE          ? 'C6 H15 N2 O2 1' 147.195 
MET 'L-peptide linking' y METHIONINE      ? 'C5 H11 N O2 S'  149.211 
PHE 'L-peptide linking' y PHENYLALANINE   ? 'C9 H11 N O2'    165.189 
PRO 'L-peptide linking' y PROLINE         ? 'C5 H9 N O2'     115.130 
SER 'L-peptide linking' y SERINE          ? 'C3 H7 N O3'     105.093 
THR 'L-peptide linking' y THREONINE       ? 'C4 H9 N O3'     119.119 
TRP 'L-peptide linking' y TRYPTOPHAN      ? 'C11 H12 N2 O2'  204.225 
TYR 'L-peptide linking' y TYROSINE        ? 'C9 H11 N O3'    181.189 
VAL 'L-peptide linking' y VALINE          ? 'C5 H11 N O2'    117.146 
# 
_exptl.entry_id          4LPX 
_exptl.method            'X-RAY DIFFRACTION' 
_exptl.crystals_number   1 
# 
_exptl_crystal.id                    1 
_exptl_crystal.density_meas          ? 
_exptl_crystal.density_Matthews      3.86 
_exptl_crystal.density_percent_sol   68.0 
_exptl_crystal.description           ? 
_exptl_crystal.F_000                 ? 
_exptl_crystal.preparation           ? 
# 
_exptl_crystal_grow.crystal_id      1 
_exptl_crystal_grow.method          'VAPOR DIFFUSION, SITTING DROP' 
_exptl_crystal_grow.temp            293 
_exptl_crystal_grow.temp_details    ? 
_exptl_crystal_grow.pH              8.5 
_exptl_crystal_grow.pdbx_details    
'0.1 M Tris, pH 8.5, 1.5 M ammonium sulfate, 5% PEG400, VAPOR DIFFUSION, SITTING DROP, temperature 293K' 
_exptl_crystal_grow.pdbx_pH_range   ? 
# 
_diffrn.id                     1 
_diffrn.ambient_temp           95 
_diffrn.ambient_temp_details   ? 
_diffrn.crystal_id             1 
# 
_diffrn_detector.diffrn_id              1 
_diffrn_detector.detector               CCD 
_diffrn_detector.type                   'RIGAKU SATURN 944' 
_diffrn_detector.pdbx_collection_date   2010-03-17 
_diffrn_detector.details                'VARIMAX HF' 
# 
_diffrn_radiation.diffrn_id                        1 
_diffrn_radiation.wavelength_id                    1 
_diffrn_radiation.pdbx_monochromatic_or_laue_m_l   M 
_diffrn_radiation.monochromator                    ? 
_diffrn_radiation.pdbx_diffrn_protocol             'SINGLE WAVELENGTH' 
_diffrn_radiation.pdbx_scattering_type             x-ray 
# 
_diffrn_radiation_wavelength.id           1 
_diffrn_radiation_wavelength.wavelength   1.5418 
_diffrn_radiation_wavelength.wt           1.0 
# 
_diffrn_source.diffrn_id                   1 
_diffrn_source.source                      'ROTATING ANODE' 
_diffrn_source.type                        'RIGAKU MICROMAX-007 HF' 
_diffrn_source.pdbx_synchrotron_site       ? 
_diffrn_source.pdbx_synchrotron_beamline   ? 
_diffrn_source.pdbx_wavelength             1.5418 
_diffrn_source.pdbx_wavelength_list        1.5418 
# 
_reflns.entry_id                     4LPX 
_reflns.observed_criterion_sigma_I   -3.0 
_reflns.observed_criterion_sigma_F   0 
_reflns.d_resolution_low             30.0 
_reflns.d_resolution_high            1.90 
_reflns.number_obs                   16040 
_reflns.number_all                   16040 
_reflns.percent_possible_obs         96.3 
_reflns.pdbx_Rmerge_I_obs            0.040 
_reflns.pdbx_Rsym_value              ? 
_reflns.pdbx_netI_over_sigmaI        ? 
_reflns.B_iso_Wilson_estimate        29.0 
_reflns.pdbx_redundancy              25.3 
_reflns.R_free_details               ? 
_reflns.limit_h_max                  ? 
_reflns.limit_h_min                  ? 
_reflns.limit_k_max                  ? 
_reflns.limit_k_min                  ? 
_reflns.limit_l_max                  ? 
_reflns.limit_l_min                  ? 
_reflns.observed_criterion_F_max     ? 
_reflns.observed_criterion_F_min     ? 
_reflns.pdbx_chi_squared             ? 
_reflns.pdbx_scaling_rejects         ? 
_reflns.pdbx_ordinal                 1 
_reflns.pdbx_diffrn_id               1 
# 
_reflns_shell.d_res_high             1.90 
_reflns_shell.d_res_low              1.97 
_reflns_shell.percent_possible_all   90.2 
_reflns_shell.Rmerge_I_obs           0.176 
_reflns_shell.pdbx_Rsym_value        ? 
_reflns_shell.meanI_over_sigI_obs    ? 
_reflns_shell.pdbx_redundancy        8.7 
_reflns_shell.percent_possible_obs   ? 
_reflns_shell.number_unique_all      ? 
_reflns_shell.number_measured_all    ? 
_reflns_shell.number_measured_obs    ? 
_reflns_shell.number_unique_obs      ? 
_reflns_shell.pdbx_chi_squared       ? 
_reflns_shell.pdbx_ordinal           1 
_reflns_shell.pdbx_diffrn_id         1 
# 
_refine.entry_id                                 4LPX 
_refine.ls_number_reflns_obs                     13183 
_refine.ls_number_reflns_all                     13183 
_refine.pdbx_ls_sigma_I                          ? 
_refine.pdbx_ls_sigma_F                          0.0 
_refine.pdbx_data_cutoff_high_absF               ? 
_refine.pdbx_data_cutoff_low_absF                ? 
_refine.pdbx_data_cutoff_high_rms_absF           ? 
_refine.ls_d_res_low                             15.0 
_refine.ls_d_res_high                            1.90 
_refine.ls_percent_reflns_obs                    96.3 
_refine.ls_R_factor_obs                          0.20929 
_refine.ls_R_factor_all                          0.20929 
_refine.ls_R_factor_R_work                       0.20763 
_refine.ls_R_factor_R_free                       0.24167 
_refine.ls_R_factor_R_free_error                 ? 
_refine.ls_R_factor_R_free_error_details         ? 
_refine.ls_percent_reflns_R_free                 4.8 
_refine.ls_number_reflns_R_free                  667 
_refine.ls_number_parameters                     ? 
_refine.ls_number_restraints                     ? 
_refine.occupancy_min                            ? 
_refine.occupancy_max                            ? 
_refine.correlation_coeff_Fo_to_Fc               0.945 
_refine.correlation_coeff_Fo_to_Fc_free          0.923 
_refine.B_iso_mean                               34.1 
_refine.aniso_B[1][1]                            ? 
_refine.aniso_B[2][2]                            ? 
_refine.aniso_B[3][3]                            ? 
_refine.aniso_B[1][2]                            ? 
_refine.aniso_B[1][3]                            ? 
_refine.aniso_B[2][3]                            ? 
_refine.solvent_model_details                    'BABINET MODEL WITH MASK' 
_refine.solvent_model_param_ksol                 ? 
_refine.solvent_model_param_bsol                 ? 
_refine.pdbx_solvent_vdw_probe_radii             1.40 
_refine.pdbx_solvent_ion_probe_radii             0.80 
_refine.pdbx_solvent_shrinkage_radii             0.80 
_refine.pdbx_ls_cross_valid_method               THROUGHOUT 
_refine.details                                  ? 
_refine.pdbx_starting_model                      'PDB ENTRY 3TES' 
_refine.pdbx_method_to_determine_struct          'MOLECULAR REPLACEMENT' 
_refine.pdbx_isotropic_thermal_model             ? 
_refine.pdbx_stereochemistry_target_values       'Engh & Huber' 
_refine.pdbx_stereochem_target_val_spec_case     ? 
_refine.pdbx_R_Free_selection_details            RANDOM 
_refine.pdbx_overall_ESU_R                       0.115 
_refine.pdbx_overall_ESU_R_Free                  0.116 
_refine.overall_SU_ML                            0.079 
_refine.pdbx_overall_phase_error                 ? 
_refine.overall_SU_B                             2.731 
_refine.overall_SU_R_Cruickshank_DPI             ? 
_refine.ls_redundancy_reflns_obs                 ? 
_refine.B_iso_min                                ? 
_refine.B_iso_max                                ? 
_refine.overall_SU_R_free                        ? 
_refine.ls_wR_factor_R_free                      ? 
_refine.ls_wR_factor_R_work                      ? 
_refine.overall_FOM_free_R_set                   ? 
_refine.overall_FOM_work_R_set                   ? 
_refine.pdbx_diffrn_id                           1 
_refine.pdbx_refine_id                           'X-RAY DIFFRACTION' 
_refine.pdbx_TLS_residual_ADP_flag               ? 
_refine.pdbx_overall_SU_R_free_Cruickshank_DPI   ? 
_refine.pdbx_overall_SU_R_Blow_DPI               ? 
_refine.pdbx_overall_SU_R_free_Blow_DPI          ? 
# 
_refine_hist.pdbx_refine_id                   'X-RAY DIFFRACTION' 
_refine_hist.cycle_id                         LAST 
_refine_hist.pdbx_number_atoms_protein        727 
_refine_hist.pdbx_number_atoms_nucleic_acid   0 
_refine_hist.pdbx_number_atoms_ligand         0 
_refine_hist.number_atoms_solvent             91 
_refine_hist.number_atoms_total               818 
_refine_hist.d_res_high                       1.90 
_refine_hist.d_res_low                        15.0 
# 
loop_
_refine_ls_restr.type 
_refine_ls_restr.dev_ideal 
_refine_ls_restr.dev_ideal_target 
_refine_ls_restr.weight 
_refine_ls_restr.number 
_refine_ls_restr.pdbx_restraint_function 
_refine_ls_restr.pdbx_refine_id 
r_bond_refined_d       0.010  0.022  ? 744  ? 'X-RAY DIFFRACTION' 
r_angle_refined_deg    1.300  1.988  ? 1020 ? 'X-RAY DIFFRACTION' 
r_dihedral_angle_1_deg 6.484  5.000  ? 96   ? 'X-RAY DIFFRACTION' 
r_dihedral_angle_2_deg 37.134 25.517 ? 29   ? 'X-RAY DIFFRACTION' 
r_dihedral_angle_3_deg 10.084 15.000 ? 109  ? 'X-RAY DIFFRACTION' 
r_dihedral_angle_4_deg 3.578  15.000 ? 2    ? 'X-RAY DIFFRACTION' 
r_chiral_restr         0.093  0.200  ? 120  ? 'X-RAY DIFFRACTION' 
r_gen_planes_refined   0.001  0.022  ? 568  ? 'X-RAY DIFFRACTION' 
r_mcbond_it            3.631  2.000  ? 485  ? 'X-RAY DIFFRACTION' 
r_mcangle_it           5.809  4.000  ? 785  ? 'X-RAY DIFFRACTION' 
r_scbond_it            28.012 88.000 ? 259  ? 'X-RAY DIFFRACTION' 
r_scangle_it           25.652 88.000 ? 235  ? 'X-RAY DIFFRACTION' 
# 
_refine_ls_shell.pdbx_total_number_of_bins_used   20 
_refine_ls_shell.d_res_high                       1.900 
_refine_ls_shell.d_res_low                        1.949 
_refine_ls_shell.number_reflns_R_work             896 
_refine_ls_shell.R_factor_R_work                  0.259 
_refine_ls_shell.percent_reflns_obs               90.2 
_refine_ls_shell.R_factor_R_free                  0.222 
_refine_ls_shell.R_factor_R_free_error            ? 
_refine_ls_shell.percent_reflns_R_free            ? 
_refine_ls_shell.number_reflns_R_free             47 
_refine_ls_shell.number_reflns_all                ? 
_refine_ls_shell.R_factor_all                     ? 
_refine_ls_shell.number_reflns_obs                ? 
_refine_ls_shell.redundancy_reflns_obs            ? 
_refine_ls_shell.pdbx_refine_id                   'X-RAY DIFFRACTION' 
# 
_struct.entry_id                  4LPX 
_struct.title                     'Crystal structure of TENCON variant D4' 
_struct.pdbx_model_details        ? 
_struct.pdbx_CASP_flag            ? 
_struct.pdbx_model_type_details   ? 
# 
_struct_keywords.entry_id        4LPX 
_struct_keywords.pdbx_keywords   'DE NOVO PROTEIN' 
_struct_keywords.text            'fibronectin type III fold, alternate scaffold, DE NOVO PROTEIN' 
# 
loop_
_struct_asym.id 
_struct_asym.pdbx_blank_PDB_chainid_flag 
_struct_asym.pdbx_modified 
_struct_asym.entity_id 
_struct_asym.details 
A N N 1 ? 
B N N 2 ? 
# 
_struct_biol.id        1 
_struct_biol.details   ? 
# 
loop_
_struct_sheet.id 
_struct_sheet.type 
_struct_sheet.number_strands 
_struct_sheet.details 
A ? 3 ? 
B ? 3 ? 
# 
loop_
_struct_sheet_order.sheet_id 
_struct_sheet_order.range_id_1 
_struct_sheet_order.range_id_2 
_struct_sheet_order.offset 
_struct_sheet_order.sense 
A 1 2 ? anti-parallel 
A 2 3 ? anti-parallel 
B 1 2 ? anti-parallel 
B 2 3 ? anti-parallel 
# 
loop_
_struct_sheet_range.sheet_id 
_struct_sheet_range.id 
_struct_sheet_range.beg_label_comp_id 
_struct_sheet_range.beg_label_asym_id 
_struct_sheet_range.beg_label_seq_id 
_struct_sheet_range.pdbx_beg_PDB_ins_code 
_struct_sheet_range.end_label_comp_id 
_struct_sheet_range.end_label_asym_id 
_struct_sheet_range.end_label_seq_id 
_struct_sheet_range.pdbx_end_PDB_ins_code 
_struct_sheet_range.beg_auth_comp_id 
_struct_sheet_range.beg_auth_asym_id 
_struct_sheet_range.beg_auth_seq_id 
_struct_sheet_range.end_auth_comp_id 
_struct_sheet_range.end_auth_asym_id 
_struct_sheet_range.end_auth_seq_id 
A 1 LYS A 6  ? SER A 11 ? LYS A 6  SER A 11 
A 2 LEU A 18 ? THR A 23 ? LEU A 18 THR A 23 
A 3 SER A 56 ? LEU A 59 ? SER A 56 LEU A 59 
B 1 ILE A 46 ? PRO A 51 ? ILE A 46 PRO A 51 
B 2 SER A 31 ? GLU A 38 ? SER A 31 GLU A 38 
B 3 TYR A 68 ? VAL A 75 ? TYR A 68 VAL A 75 
# 
loop_
_pdbx_struct_sheet_hbond.sheet_id 
_pdbx_struct_sheet_hbond.range_id_1 
_pdbx_struct_sheet_hbond.range_id_2 
_pdbx_struct_sheet_hbond.range_1_label_atom_id 
_pdbx_struct_sheet_hbond.range_1_label_comp_id 
_pdbx_struct_sheet_hbond.range_1_label_asym_id 
_pdbx_struct_sheet_hbond.range_1_label_seq_id 
_pdbx_struct_sheet_hbond.range_1_PDB_ins_code 
_pdbx_struct_sheet_hbond.range_1_auth_atom_id 
_pdbx_struct_sheet_hbond.range_1_auth_comp_id 
_pdbx_struct_sheet_hbond.range_1_auth_asym_id 
_pdbx_struct_sheet_hbond.range_1_auth_seq_id 
_pdbx_struct_sheet_hbond.range_2_label_atom_id 
_pdbx_struct_sheet_hbond.range_2_label_comp_id 
_pdbx_struct_sheet_hbond.range_2_label_asym_id 
_pdbx_struct_sheet_hbond.range_2_label_seq_id 
_pdbx_struct_sheet_hbond.range_2_PDB_ins_code 
_pdbx_struct_sheet_hbond.range_2_auth_atom_id 
_pdbx_struct_sheet_hbond.range_2_auth_comp_id 
_pdbx_struct_sheet_hbond.range_2_auth_asym_id 
_pdbx_struct_sheet_hbond.range_2_auth_seq_id 
A 1 2 N LYS A 6  ? N LYS A 6  O THR A 23 ? O THR A 23 
A 2 3 N LEU A 20 ? N LEU A 20 O TYR A 57 ? O TYR A 57 
B 1 2 O LEU A 48 ? O LEU A 48 N ILE A 34 ? N ILE A 34 
B 2 3 N GLN A 35 ? N GLN A 35 O SER A 71 ? O SER A 71 
# 
_atom_sites.entry_id                    4LPX 
_atom_sites.fract_transf_matrix[1][1]   -0.00690884 
_atom_sites.fract_transf_matrix[1][2]   0.00098262 
_atom_sites.fract_transf_matrix[1][3]   0.00707435 
_atom_sites.fract_transf_matrix[2][1]   -0.00684641 
_atom_sites.fract_transf_matrix[2][2]   0.00189236 
_atom_sites.fract_transf_matrix[2][3]   -0.00694908 
_atom_sites.fract_transf_matrix[3][1]   -0.00203498 
_atom_sites.fract_transf_matrix[3][2]   -0.00970846 
_atom_sites.fract_transf_matrix[3][3]   -0.00063887 
_atom_sites.fract_transf_vector[1]      -0.049131 
_atom_sites.fract_transf_vector[2]      0.033778 
_atom_sites.fract_transf_vector[3]      -0.340214 
# 
loop_
_atom_type.symbol 
C 
N 
O 
S 
# 
loop_
_atom_site.group_PDB 
_atom_site.id 
_atom_site.type_symbol 
_atom_site.label_atom_id 
_atom_site.label_alt_id 
_atom_site.label_comp_id 
_atom_site.label_asym_id 
_atom_site.label_entity_id 
_atom_site.label_seq_id 
_atom_site.pdbx_PDB_ins_code 
_atom_site.Cartn_x 
_atom_site.Cartn_y 
_atom_site.Cartn_z 
_atom_site.occupancy 
_atom_site.B_iso_or_equiv 
_atom_site.pdbx_formal_charge 
_atom_site.auth_seq_id 
_atom_site.auth_comp_id 
_atom_site.auth_asym_id 
_atom_site.auth_atom_id 
_atom_site.pdbx_PDB_model_num 
ATOM   1   N N   . MET A 1 1  ? 17.024  -2.080  -2.294  1.00 69.38  ? 1   MET A N   1 
ATOM   2   C CA  . MET A 1 1  ? 16.023  -2.558  -1.295  1.00 67.17  ? 1   MET A CA  1 
ATOM   3   C C   . MET A 1 1  ? 15.651  -1.440  -0.317  1.00 61.34  ? 1   MET A C   1 
ATOM   4   O O   . MET A 1 1  ? 16.494  -0.965  0.455   1.00 59.68  ? 1   MET A O   1 
ATOM   5   C CB  . MET A 1 1  ? 16.546  -3.798  -0.543  1.00 67.22  ? 1   MET A CB  1 
ATOM   6   C CG  . MET A 1 1  ? 15.467  -4.643  0.164   1.00 70.14  ? 1   MET A CG  1 
ATOM   7   S SD  . MET A 1 1  ? 14.130  -5.255  -0.901  1.00 100.47 ? 1   MET A SD  1 
ATOM   8   C CE  . MET A 1 1  ? 14.976  -6.462  -1.919  1.00 47.72  ? 1   MET A CE  1 
ATOM   9   N N   . LEU A 1 2  ? 14.386  -1.030  -0.362  1.00 53.47  ? 2   LEU A N   1 
ATOM   10  C CA  . LEU A 1 2  ? 13.835  -0.077  0.597   1.00 48.73  ? 2   LEU A CA  1 
ATOM   11  C C   . LEU A 1 2  ? 13.729  -0.749  1.966   1.00 41.32  ? 2   LEU A C   1 
ATOM   12  O O   . LEU A 1 2  ? 13.338  -1.919  2.051   1.00 40.56  ? 2   LEU A O   1 
ATOM   13  C CB  . LEU A 1 2  ? 12.446  0.395   0.148   1.00 48.06  ? 2   LEU A CB  1 
ATOM   14  C CG  . LEU A 1 2  ? 12.273  0.966   -1.263  1.00 59.66  ? 2   LEU A CG  1 
ATOM   15  C CD1 . LEU A 1 2  ? 10.803  0.934   -1.648  1.00 68.74  ? 2   LEU A CD1 1 
ATOM   16  C CD2 . LEU A 1 2  ? 12.843  2.382   -1.379  1.00 57.98  ? 2   LEU A CD2 1 
ATOM   17  N N   . PRO A 1 3  ? 14.078  -0.018  3.044   1.00 40.56  ? 3   PRO A N   1 
ATOM   18  C CA  . PRO A 1 3  ? 13.948  -0.579  4.397   1.00 41.97  ? 3   PRO A CA  1 
ATOM   19  C C   . PRO A 1 3  ? 12.486  -0.842  4.788   1.00 36.64  ? 3   PRO A C   1 
ATOM   20  O O   . PRO A 1 3  ? 11.610  -0.058  4.461   1.00 37.73  ? 3   PRO A O   1 
ATOM   21  C CB  . PRO A 1 3  ? 14.567  0.502   5.295   1.00 43.60  ? 3   PRO A CB  1 
ATOM   22  C CG  . PRO A 1 3  ? 14.472  1.776   4.490   1.00 45.08  ? 3   PRO A CG  1 
ATOM   23  C CD  . PRO A 1 3  ? 14.613  1.360   3.056   1.00 45.12  ? 3   PRO A CD  1 
ATOM   24  N N   . ALA A 1 4  ? 12.240  -1.945  5.483   1.00 39.45  ? 4   ALA A N   1 
ATOM   25  C CA  . ALA A 1 4  ? 10.888  -2.318  5.896   1.00 34.79  ? 4   ALA A CA  1 
ATOM   26  C C   . ALA A 1 4  ? 10.310  -1.334  6.932   1.00 31.58  ? 4   ALA A C   1 
ATOM   27  O O   . ALA A 1 4  ? 11.072  -0.679  7.656   1.00 26.42  ? 4   ALA A O   1 
ATOM   28  C CB  . ALA A 1 4  ? 10.897  -3.745  6.445   1.00 35.72  ? 4   ALA A CB  1 
ATOM   29  N N   . PRO A 1 5  ? 8.959   -1.221  7.010   1.00 27.75  ? 5   PRO A N   1 
ATOM   30  C CA  . PRO A 1 5  ? 8.392   -0.527  8.178   1.00 21.78  ? 5   PRO A CA  1 
ATOM   31  C C   . PRO A 1 5  ? 8.835   -1.282  9.442   1.00 17.15  ? 5   PRO A C   1 
ATOM   32  O O   . PRO A 1 5  ? 9.268   -2.436  9.341   1.00 19.47  ? 5   PRO A O   1 
ATOM   33  C CB  . PRO A 1 5  ? 6.868   -0.672  7.994   1.00 24.33  ? 5   PRO A CB  1 
ATOM   34  C CG  . PRO A 1 5  ? 6.653   -1.112  6.573   1.00 25.73  ? 5   PRO A CG  1 
ATOM   35  C CD  . PRO A 1 5  ? 7.926   -1.714  6.072   1.00 25.09  ? 5   PRO A CD  1 
ATOM   36  N N   . LYS A 1 6  ? 8.736   -0.654  10.607  1.00 22.51  ? 6   LYS A N   1 
ATOM   37  C CA  . LYS A 1 6  ? 9.226   -1.275  11.844  1.00 19.60  ? 6   LYS A CA  1 
ATOM   38  C C   . LYS A 1 6  ? 8.100   -1.413  12.865  1.00 23.11  ? 6   LYS A C   1 
ATOM   39  O O   . LYS A 1 6  ? 7.121   -0.677  12.810  1.00 21.94  ? 6   LYS A O   1 
ATOM   40  C CB  . LYS A 1 6  ? 10.350  -0.434  12.463  1.00 22.24  ? 6   LYS A CB  1 
ATOM   41  C CG  . LYS A 1 6  ? 11.500  -0.100  11.515  1.00 31.59  ? 6   LYS A CG  1 
ATOM   42  C CD  . LYS A 1 6  ? 12.518  0.844   12.170  1.00 39.65  ? 6   LYS A CD  1 
ATOM   43  C CE  . LYS A 1 6  ? 11.929  2.220   12.488  1.00 43.02  ? 6   LYS A CE  1 
ATOM   44  N NZ  . LYS A 1 6  ? 12.933  3.109   13.148  1.00 50.46  ? 6   LYS A NZ  1 
ATOM   45  N N   . ASN A 1 7  ? 8.247   -2.362  13.796  1.00 19.78  ? 7   ASN A N   1 
ATOM   46  C CA  . ASN A 1 7  ? 7.416   -2.382  15.008  1.00 15.40  ? 7   ASN A CA  1 
ATOM   47  C C   . ASN A 1 7  ? 5.912   -2.398  14.750  1.00 15.81  ? 7   ASN A C   1 
ATOM   48  O O   . ASN A 1 7  ? 5.170   -1.497  15.167  1.00 19.70  ? 7   ASN A O   1 
ATOM   49  C CB  . ASN A 1 7  ? 7.824   -1.259  15.990  1.00 19.68  ? 7   ASN A CB  1 
ATOM   50  C CG  . ASN A 1 7  ? 9.279   -1.391  16.431  1.00 20.57  ? 7   ASN A CG  1 
ATOM   51  O OD1 . ASN A 1 7  ? 9.804   -2.494  16.475  1.00 20.41  ? 7   ASN A OD1 1 
ATOM   52  N ND2 . ASN A 1 7  ? 9.929   -0.275  16.753  1.00 23.40  ? 7   ASN A ND2 1 
ATOM   53  N N   . LEU A 1 8  ? 5.480   -3.446  14.053  1.00 17.08  ? 8   LEU A N   1 
ATOM   54  C CA  . LEU A 1 8  ? 4.068   -3.667  13.808  1.00 17.12  ? 8   LEU A CA  1 
ATOM   55  C C   . LEU A 1 8  ? 3.415   -4.150  15.098  1.00 20.07  ? 8   LEU A C   1 
ATOM   56  O O   . LEU A 1 8  ? 3.790   -5.193  15.646  1.00 20.47  ? 8   LEU A O   1 
ATOM   57  C CB  . LEU A 1 8  ? 3.866   -4.682  12.678  1.00 17.84  ? 8   LEU A CB  1 
ATOM   58  C CG  . LEU A 1 8  ? 2.422   -5.096  12.350  1.00 19.72  ? 8   LEU A CG  1 
ATOM   59  C CD1 . LEU A 1 8  ? 1.541   -3.905  11.896  1.00 21.76  ? 8   LEU A CD1 1 
ATOM   60  C CD2 . LEU A 1 8  ? 2.462   -6.193  11.309  1.00 15.61  ? 8   LEU A CD2 1 
ATOM   61  N N   . VAL A 1 9  ? 2.442   -3.381  15.570  1.00 20.06  ? 9   VAL A N   1 
ATOM   62  C CA  . VAL A 1 9  ? 1.746   -3.673  16.831  1.00 20.28  ? 9   VAL A CA  1 
ATOM   63  C C   . VAL A 1 9  ? 0.234   -3.629  16.658  1.00 22.66  ? 9   VAL A C   1 
ATOM   64  O O   . VAL A 1 9  ? -0.271  -3.182  15.616  1.00 19.88  ? 9   VAL A O   1 
ATOM   65  C CB  . VAL A 1 9  ? 2.183   -2.707  17.964  1.00 17.88  ? 9   VAL A CB  1 
ATOM   66  C CG1 . VAL A 1 9  ? 3.699   -2.808  18.192  1.00 22.80  ? 9   VAL A CG1 1 
ATOM   67  C CG2 . VAL A 1 9  ? 1.769   -1.267  17.671  1.00 20.54  ? 9   VAL A CG2 1 
ATOM   68  N N   . VAL A 1 10 ? -0.485  -4.093  17.681  1.00 20.07  ? 10  VAL A N   1 
ATOM   69  C CA  . VAL A 1 10 ? -1.938  -4.159  17.636  1.00 16.46  ? 10  VAL A CA  1 
ATOM   70  C C   . VAL A 1 10 ? -2.456  -3.480  18.901  1.00 23.56  ? 10  VAL A C   1 
ATOM   71  O O   . VAL A 1 10 ? -1.798  -3.500  19.960  1.00 23.15  ? 10  VAL A O   1 
ATOM   72  C CB  . VAL A 1 10 ? -2.460  -5.609  17.473  1.00 19.42  ? 10  VAL A CB  1 
ATOM   73  C CG1 . VAL A 1 10 ? -2.430  -6.389  18.820  1.00 21.98  ? 10  VAL A CG1 1 
ATOM   74  C CG2 . VAL A 1 10 ? -3.874  -5.621  16.881  1.00 19.56  ? 10  VAL A CG2 1 
ATOM   75  N N   . SER A 1 11 ? -3.628  -2.880  18.785  1.00 20.92  ? 11  SER A N   1 
ATOM   76  C CA  . SER A 1 11 ? -4.341  -2.283  19.915  1.00 23.84  ? 11  SER A CA  1 
ATOM   77  C C   . SER A 1 11 ? -5.825  -2.330  19.563  1.00 23.38  ? 11  SER A C   1 
ATOM   78  O O   . SER A 1 11 ? -6.200  -2.802  18.470  1.00 21.37  ? 11  SER A O   1 
ATOM   79  C CB  . SER A 1 11 ? -3.865  -0.851  20.219  1.00 23.61  ? 11  SER A CB  1 
ATOM   80  O OG  . SER A 1 11 ? -4.149  0.030   19.135  1.00 28.06  ? 11  SER A OG  1 
ATOM   81  N N   . GLU A 1 12 ? -6.672  -1.850  20.475  1.00 27.35  ? 12  GLU A N   1 
ATOM   82  C CA  . GLU A 1 12 ? -8.128  -1.859  20.270  1.00 24.21  ? 12  GLU A CA  1 
ATOM   83  C C   . GLU A 1 12 ? -8.622  -3.210  19.760  1.00 27.97  ? 12  GLU A C   1 
ATOM   84  O O   . GLU A 1 12 ? -9.366  -3.311  18.779  1.00 25.86  ? 12  GLU A O   1 
ATOM   85  C CB  . GLU A 1 12 ? -8.542  -0.710  19.333  1.00 27.75  ? 12  GLU A CB  1 
ATOM   86  C CG  . GLU A 1 12 ? -7.947  0.643   19.756  1.00 31.49  ? 12  GLU A CG  1 
ATOM   87  C CD  . GLU A 1 12 ? -8.543  1.832   19.019  1.00 41.64  ? 12  GLU A CD  1 
ATOM   88  O OE1 . GLU A 1 12 ? -8.142  2.974   19.337  1.00 62.41  ? 12  GLU A OE1 1 
ATOM   89  O OE2 . GLU A 1 12 ? -9.403  1.636   18.128  1.00 60.62  ? 12  GLU A OE2 1 
ATOM   90  N N   . VAL A 1 13 ? -8.192  -4.263  20.446  1.00 26.87  ? 13  VAL A N   1 
ATOM   91  C CA  . VAL A 1 13 ? -8.551  -5.614  20.069  1.00 26.21  ? 13  VAL A CA  1 
ATOM   92  C C   . VAL A 1 13 ? -10.000 -5.862  20.491  1.00 31.48  ? 13  VAL A C   1 
ATOM   93  O O   . VAL A 1 13 ? -10.326 -5.747  21.666  1.00 32.43  ? 13  VAL A O   1 
ATOM   94  C CB  . VAL A 1 13 ? -7.617  -6.630  20.757  1.00 29.56  ? 13  VAL A CB  1 
ATOM   95  C CG1 . VAL A 1 13 ? -8.017  -8.066  20.402  1.00 26.90  ? 13  VAL A CG1 1 
ATOM   96  C CG2 . VAL A 1 13 ? -6.134  -6.332  20.395  1.00 28.02  ? 13  VAL A CG2 1 
ATOM   97  N N   . THR A 1 14 ? -10.858 -6.200  19.530  1.00 31.40  ? 14  THR A N   1 
ATOM   98  C CA  . THR A 1 14 ? -12.246 -6.551  19.822  1.00 29.34  ? 14  THR A CA  1 
ATOM   99  C C   . THR A 1 14 ? -12.497 -7.951  19.275  1.00 31.83  ? 14  THR A C   1 
ATOM   100 O O   . THR A 1 14 ? -11.566 -8.638  18.832  1.00 28.16  ? 14  THR A O   1 
ATOM   101 C CB  . THR A 1 14 ? -13.270 -5.535  19.200  1.00 29.17  ? 14  THR A CB  1 
ATOM   102 O OG1 . THR A 1 14 ? -13.349 -5.735  17.782  1.00 32.56  ? 14  THR A OG1 1 
ATOM   103 C CG2 . THR A 1 14 ? -12.895 -4.089  19.509  1.00 27.08  ? 14  THR A CG2 1 
ATOM   104 N N   . GLU A 1 15 ? -13.752 -8.385  19.300  1.00 30.76  ? 15  GLU A N   1 
ATOM   105 C CA  . GLU A 1 15 ? -14.116 -9.676  18.725  1.00 35.25  ? 15  GLU A CA  1 
ATOM   106 C C   . GLU A 1 15 ? -14.127 -9.680  17.195  1.00 32.82  ? 15  GLU A C   1 
ATOM   107 O O   . GLU A 1 15 ? -14.067 -10.737 16.574  1.00 36.11  ? 15  GLU A O   1 
ATOM   108 C CB  . GLU A 1 15 ? -15.480 -10.136 19.261  1.00 40.10  ? 15  GLU A CB  1 
ATOM   109 C CG  . GLU A 1 15 ? -15.547 -10.178 20.783  1.00 36.86  ? 15  GLU A CG  1 
ATOM   110 C CD  . GLU A 1 15 ? -16.524 -11.222 21.304  1.00 87.84  ? 15  GLU A CD  1 
ATOM   111 O OE1 . GLU A 1 15 ? -17.419 -11.660 20.551  1.00 56.09  ? 15  GLU A OE1 1 
ATOM   112 O OE2 . GLU A 1 15 ? -16.393 -11.606 22.480  1.00 54.55  ? 15  GLU A OE2 1 
ATOM   113 N N   . ASP A 1 16 ? -14.200 -8.500  16.588  1.00 37.65  ? 16  ASP A N   1 
ATOM   114 C CA  . ASP A 1 16 ? -14.349 -8.405  15.131  1.00 36.83  ? 16  ASP A CA  1 
ATOM   115 C C   . ASP A 1 16 ? -13.428 -7.377  14.465  1.00 31.96  ? 16  ASP A C   1 
ATOM   116 O O   . ASP A 1 16 ? -13.556 -7.122  13.265  1.00 32.45  ? 16  ASP A O   1 
ATOM   117 C CB  . ASP A 1 16 ? -15.815 -8.102  14.767  1.00 38.97  ? 16  ASP A CB  1 
ATOM   118 C CG  . ASP A 1 16 ? -16.395 -6.947  15.578  1.00 48.07  ? 16  ASP A CG  1 
ATOM   119 O OD1 . ASP A 1 16 ? -15.827 -5.831  15.548  1.00 35.77  ? 16  ASP A OD1 1 
ATOM   120 O OD2 . ASP A 1 16 ? -17.426 -7.158  16.250  1.00 74.44  ? 16  ASP A OD2 1 
ATOM   121 N N   . SER A 1 17 ? -12.511 -6.798  15.239  1.00 30.37  ? 17  SER A N   1 
ATOM   122 C CA  . SER A 1 17 ? -11.641 -5.731  14.749  1.00 29.73  ? 17  SER A CA  1 
ATOM   123 C C   . SER A 1 17 ? -10.306 -5.664  15.502  1.00 29.39  ? 17  SER A C   1 
ATOM   124 O O   . SER A 1 17 ? -10.209 -6.087  16.660  1.00 25.78  ? 17  SER A O   1 
ATOM   125 C CB  . SER A 1 17 ? -12.365 -4.372  14.794  1.00 29.71  ? 17  SER A CB  1 
ATOM   126 O OG  . SER A 1 17 ? -12.515 -3.900  16.123  1.00 34.07  ? 17  SER A OG  1 
ATOM   127 N N   . LEU A 1 18 ? -9.292  -5.128  14.823  1.00 24.68  ? 18  LEU A N   1 
ATOM   128 C CA  . LEU A 1 18 ? -7.929  -4.969  15.354  1.00 23.51  ? 18  LEU A CA  1 
ATOM   129 C C   . LEU A 1 18 ? -7.361  -3.656  14.810  1.00 22.01  ? 18  LEU A C   1 
ATOM   130 O O   . LEU A 1 18 ? -7.411  -3.432  13.603  1.00 24.30  ? 18  LEU A O   1 
ATOM   131 C CB  . LEU A 1 18 ? -7.032  -6.113  14.859  1.00 23.26  ? 18  LEU A CB  1 
ATOM   132 C CG  . LEU A 1 18 ? -7.297  -7.576  15.218  1.00 26.99  ? 18  LEU A CG  1 
ATOM   133 C CD1 . LEU A 1 18 ? -6.373  -8.495  14.415  1.00 24.93  ? 18  LEU A CD1 1 
ATOM   134 C CD2 . LEU A 1 18 ? -7.150  -7.842  16.733  1.00 33.59  ? 18  LEU A CD2 1 
ATOM   135 N N   . ARG A 1 19 ? -6.829  -2.792  15.671  1.00 21.67  ? 19  ARG A N   1 
ATOM   136 C CA  . ARG A 1 19 ? -6.105  -1.613  15.176  1.00 20.66  ? 19  ARG A CA  1 
ATOM   137 C C   . ARG A 1 19 ? -4.618  -1.937  15.008  1.00 22.52  ? 19  ARG A C   1 
ATOM   138 O O   . ARG A 1 19 ? -3.926  -2.231  15.983  1.00 22.54  ? 19  ARG A O   1 
ATOM   139 C CB  . ARG A 1 19 ? -6.303  -0.371  16.056  1.00 21.95  ? 19  ARG A CB  1 
ATOM   140 C CG  . ARG A 1 19 ? -5.483  0.874   15.564  1.00 21.76  ? 19  ARG A CG  1 
ATOM   141 C CD  . ARG A 1 19 ? -5.923  2.199   16.217  1.00 27.36  ? 19  ARG A CD  1 
ATOM   142 N NE  . ARG A 1 19 ? -7.263  2.581   15.778  1.00 49.04  ? 19  ARG A NE  1 
ATOM   143 C CZ  . ARG A 1 19 ? -7.955  3.627   16.229  1.00 219.24 ? 19  ARG A CZ  1 
ATOM   144 N NH1 . ARG A 1 19 ? -9.166  3.868   15.748  1.00 51.32  ? 19  ARG A NH1 1 
ATOM   145 N NH2 . ARG A 1 19 ? -7.451  4.434   17.156  1.00 68.18  ? 19  ARG A NH2 1 
ATOM   146 N N   . LEU A 1 20 ? -4.137  -1.882  13.763  1.00 18.58  ? 20  LEU A N   1 
ATOM   147 C CA  . LEU A 1 20 ? -2.703  -2.045  13.466  1.00 19.49  ? 20  LEU A CA  1 
ATOM   148 C C   . LEU A 1 20 ? -2.018  -0.704  13.576  1.00 22.23  ? 20  LEU A C   1 
ATOM   149 O O   . LEU A 1 20 ? -2.608  0.314   13.181  1.00 21.79  ? 20  LEU A O   1 
ATOM   150 C CB  . LEU A 1 20 ? -2.504  -2.552  12.031  1.00 20.08  ? 20  LEU A CB  1 
ATOM   151 C CG  . LEU A 1 20 ? -3.222  -3.833  11.628  1.00 26.30  ? 20  LEU A CG  1 
ATOM   152 C CD1 . LEU A 1 20 ? -2.976  -4.121  10.141  1.00 19.11  ? 20  LEU A CD1 1 
ATOM   153 C CD2 . LEU A 1 20 ? -2.775  -5.007  12.526  1.00 18.22  ? 20  LEU A CD2 1 
ATOM   154 N N   . SER A 1 21 ? -0.786  -0.692  14.105  1.00 19.87  ? 21  SER A N   1 
ATOM   155 C CA  . SER A 1 21 ? 0.080   0.491   14.079  1.00 18.82  ? 21  SER A CA  1 
ATOM   156 C C   . SER A 1 21 ? 1.510   0.078   13.738  1.00 18.01  ? 21  SER A C   1 
ATOM   157 O O   . SER A 1 21 ? 1.924   -1.052  14.009  1.00 17.48  ? 21  SER A O   1 
ATOM   158 C CB  . SER A 1 21 ? 0.087   1.241   15.420  1.00 23.67  ? 21  SER A CB  1 
ATOM   159 O OG  . SER A 1 21 ? -1.199  1.695   15.776  1.00 23.17  ? 21  SER A OG  1 
ATOM   160 N N   . TRP A 1 22 ? 2.266   0.996   13.145  1.00 16.08  ? 22  TRP A N   1 
ATOM   161 C CA  . TRP A 1 22 ? 3.653   0.710   12.768  1.00 15.32  ? 22  TRP A CA  1 
ATOM   162 C C   . TRP A 1 22 ? 4.470   2.003   12.760  1.00 20.29  ? 22  TRP A C   1 
ATOM   163 O O   . TRP A 1 22 ? 3.916   3.100   12.888  1.00 21.30  ? 22  TRP A O   1 
ATOM   164 C CB  . TRP A 1 22 ? 3.717   0.010   11.396  1.00 18.89  ? 22  TRP A CB  1 
ATOM   165 C CG  . TRP A 1 22 ? 3.081   0.826   10.283  1.00 22.47  ? 22  TRP A CG  1 
ATOM   166 C CD1 . TRP A 1 22 ? 3.710   1.715   9.424   1.00 20.97  ? 22  TRP A CD1 1 
ATOM   167 C CD2 . TRP A 1 22 ? 1.704   0.822   9.921   1.00 17.22  ? 22  TRP A CD2 1 
ATOM   168 N NE1 . TRP A 1 22 ? 2.784   2.258   8.548   1.00 17.15  ? 22  TRP A NE1 1 
ATOM   169 C CE2 . TRP A 1 22 ? 1.550   1.729   8.832   1.00 18.28  ? 22  TRP A CE2 1 
ATOM   170 C CE3 . TRP A 1 22 ? 0.570   0.139   10.406  1.00 14.74  ? 22  TRP A CE3 1 
ATOM   171 C CZ2 . TRP A 1 22 ? 0.311   1.966   8.227   1.00 19.42  ? 22  TRP A CZ2 1 
ATOM   172 C CZ3 . TRP A 1 22 ? -0.669  0.377   9.799   1.00 18.68  ? 22  TRP A CZ3 1 
ATOM   173 C CH2 . TRP A 1 22 ? -0.780  1.289   8.716   1.00 19.04  ? 22  TRP A CH2 1 
ATOM   174 N N   . THR A 1 23 ? 5.783   1.858   12.609  1.00 19.95  ? 23  THR A N   1 
ATOM   175 C CA  . THR A 1 23 ? 6.691   3.007   12.576  1.00 20.96  ? 23  THR A CA  1 
ATOM   176 C C   . THR A 1 23 ? 7.404   3.032   11.217  1.00 22.45  ? 23  THR A C   1 
ATOM   177 O O   . THR A 1 23 ? 7.777   1.981   10.673  1.00 23.86  ? 23  THR A O   1 
ATOM   178 C CB  . THR A 1 23 ? 7.734   2.952   13.736  1.00 23.79  ? 23  THR A CB  1 
ATOM   179 O OG1 . THR A 1 23 ? 7.046   2.959   15.002  1.00 27.03  ? 23  THR A OG1 1 
ATOM   180 C CG2 . THR A 1 23 ? 8.670   4.169   13.696  1.00 35.19  ? 23  THR A CG2 1 
ATOM   181 N N   . ALA A 1 24 ? 7.582   4.239   10.688  1.00 26.46  ? 24  ALA A N   1 
ATOM   182 C CA  . ALA A 1 24 ? 8.315   4.477   9.439   1.00 36.83  ? 24  ALA A CA  1 
ATOM   183 C C   . ALA A 1 24 ? 9.830   4.333   9.613   1.00 40.73  ? 24  ALA A C   1 
ATOM   184 O O   . ALA A 1 24 ? 10.390  4.748   10.634  1.00 36.29  ? 24  ALA A O   1 
ATOM   185 C CB  . ALA A 1 24 ? 8.010   5.876   8.941   1.00 44.09  ? 24  ALA A CB  1 
ATOM   186 N N   . PRO A 1 25 ? 10.508  3.742   8.612   1.00 46.84  ? 25  PRO A N   1 
ATOM   187 C CA  . PRO A 1 25 ? 11.962  3.669   8.669   1.00 49.59  ? 25  PRO A CA  1 
ATOM   188 C C   . PRO A 1 25 ? 12.565  5.006   8.203   1.00 49.35  ? 25  PRO A C   1 
ATOM   189 O O   . PRO A 1 25 ? 11.851  6.020   8.158   1.00 48.53  ? 25  PRO A O   1 
ATOM   190 C CB  . PRO A 1 25 ? 12.273  2.533   7.685   1.00 44.33  ? 25  PRO A CB  1 
ATOM   191 C CG  . PRO A 1 25 ? 11.230  2.689   6.637   1.00 46.53  ? 25  PRO A CG  1 
ATOM   192 C CD  . PRO A 1 25 ? 9.981   3.116   7.382   1.00 47.11  ? 25  PRO A CD  1 
ATOM   193 N N   . ASP A 1 26 ? 13.854  5.005   7.864   1.00 53.27  ? 26  ASP A N   1 
ATOM   194 C CA  . ASP A 1 26 ? 14.528  6.198   7.338   1.00 58.26  ? 26  ASP A CA  1 
ATOM   195 C C   . ASP A 1 26 ? 14.307  6.354   5.824   1.00 57.44  ? 26  ASP A C   1 
ATOM   196 O O   . ASP A 1 26 ? 15.208  6.760   5.086   1.00 63.27  ? 26  ASP A O   1 
ATOM   197 C CB  . ASP A 1 26 ? 16.030  6.168   7.677   1.00 63.11  ? 26  ASP A CB  1 
ATOM   198 C CG  . ASP A 1 26 ? 16.683  7.552   7.606   1.00 67.32  ? 26  ASP A CG  1 
ATOM   199 O OD1 . ASP A 1 26 ? 16.008  8.561   7.909   1.00 124.04 ? 26  ASP A OD1 1 
ATOM   200 O OD2 . ASP A 1 26 ? 17.877  7.624   7.245   1.00 196.95 ? 26  ASP A OD2 1 
ATOM   201 N N   . ALA A 1 27 ? 13.099  6.027   5.374   1.00 46.49  ? 27  ALA A N   1 
ATOM   202 C CA  . ALA A 1 27 ? 12.669  6.267   3.996   1.00 42.39  ? 27  ALA A CA  1 
ATOM   203 C C   . ALA A 1 27 ? 11.162  6.455   4.014   1.00 36.93  ? 27  ALA A C   1 
ATOM   204 O O   . ALA A 1 27 ? 10.447  5.779   4.760   1.00 34.83  ? 27  ALA A O   1 
ATOM   205 C CB  . ALA A 1 27 ? 13.058  5.104   3.072   1.00 42.72  ? 27  ALA A CB  1 
ATOM   206 N N   . ALA A 1 28 ? 10.688  7.377   3.190   1.00 28.86  ? 28  ALA A N   1 
ATOM   207 C CA  . ALA A 1 28 ? 9.279   7.648   3.091   1.00 32.11  ? 28  ALA A CA  1 
ATOM   208 C C   . ALA A 1 28 ? 8.715   6.800   1.960   1.00 27.78  ? 28  ALA A C   1 
ATOM   209 O O   . ALA A 1 28 ? 9.398   6.525   0.952   1.00 22.95  ? 28  ALA A O   1 
ATOM   210 C CB  . ALA A 1 28 ? 9.042   9.137   2.822   1.00 25.64  ? 28  ALA A CB  1 
ATOM   211 N N   . PHE A 1 29 ? 7.463   6.389   2.129   1.00 22.91  ? 29  PHE A N   1 
ATOM   212 C CA  . PHE A 1 29 ? 6.783   5.571   1.117   1.00 21.87  ? 29  PHE A CA  1 
ATOM   213 C C   . PHE A 1 29 ? 5.578   6.294   0.543   1.00 19.16  ? 29  PHE A C   1 
ATOM   214 O O   . PHE A 1 29 ? 5.009   7.175   1.200   1.00 21.57  ? 29  PHE A O   1 
ATOM   215 C CB  . PHE A 1 29 ? 6.345   4.247   1.745   1.00 20.33  ? 29  PHE A CB  1 
ATOM   216 C CG  . PHE A 1 29 ? 7.492   3.419   2.238   1.00 20.34  ? 29  PHE A CG  1 
ATOM   217 C CD1 . PHE A 1 29 ? 8.333   2.765   1.334   1.00 24.65  ? 29  PHE A CD1 1 
ATOM   218 C CD2 . PHE A 1 29 ? 7.736   3.293   3.599   1.00 25.16  ? 29  PHE A CD2 1 
ATOM   219 C CE1 . PHE A 1 29 ? 9.400   1.997   1.797   1.00 21.97  ? 29  PHE A CE1 1 
ATOM   220 C CE2 . PHE A 1 29 ? 8.802   2.525   4.064   1.00 27.42  ? 29  PHE A CE2 1 
ATOM   221 C CZ  . PHE A 1 29 ? 9.628   1.881   3.168   1.00 21.79  ? 29  PHE A CZ  1 
ATOM   222 N N   . ASP A 1 30 ? 5.183   5.930   -0.676  1.00 19.11  ? 30  ASP A N   1 
ATOM   223 C CA  . ASP A 1 30 ? 3.928   6.411   -1.253  1.00 21.74  ? 30  ASP A CA  1 
ATOM   224 C C   . ASP A 1 30 ? 2.719   5.742   -0.616  1.00 19.86  ? 30  ASP A C   1 
ATOM   225 O O   . ASP A 1 30 ? 1.666   6.354   -0.486  1.00 19.66  ? 30  ASP A O   1 
ATOM   226 C CB  . ASP A 1 30 ? 3.891   6.147   -2.755  1.00 22.41  ? 30  ASP A CB  1 
ATOM   227 C CG  . ASP A 1 30 ? 4.922   6.973   -3.499  1.00 34.32  ? 30  ASP A CG  1 
ATOM   228 O OD1 . ASP A 1 30 ? 4.829   8.219   -3.440  1.00 34.48  ? 30  ASP A OD1 1 
ATOM   229 O OD2 . ASP A 1 30 ? 5.816   6.379   -4.134  1.00 35.64  ? 30  ASP A OD2 1 
ATOM   230 N N   . SER A 1 31 ? 2.891   4.480   -0.226  1.00 20.19  ? 31  SER A N   1 
ATOM   231 C CA  . SER A 1 31 ? 1.782   3.664   0.276   1.00 18.19  ? 31  SER A CA  1 
ATOM   232 C C   . SER A 1 31 ? 2.367   2.576   1.180   1.00 17.67  ? 31  SER A C   1 
ATOM   233 O O   . SER A 1 31 ? 3.575   2.314   1.143   1.00 16.68  ? 31  SER A O   1 
ATOM   234 C CB  . SER A 1 31 ? 1.080   2.950   -0.903  1.00 16.11  ? 31  SER A CB  1 
ATOM   235 O OG  . SER A 1 31 ? 0.456   3.847   -1.785  1.00 38.30  ? 31  SER A OG  1 
ATOM   236 N N   . PHE A 1 32 ? 1.501   1.955   1.981   1.00 15.84  ? 32  PHE A N   1 
ATOM   237 C CA  . PHE A 1 32 ? 1.825   0.662   2.602   1.00 15.85  ? 32  PHE A CA  1 
ATOM   238 C C   . PHE A 1 32 ? 0.845   -0.352  2.068   1.00 18.68  ? 32  PHE A C   1 
ATOM   239 O O   . PHE A 1 32 ? -0.351  -0.071  1.961   1.00 16.56  ? 32  PHE A O   1 
ATOM   240 C CB  . PHE A 1 32 ? 1.735   0.741   4.127   1.00 14.26  ? 32  PHE A CB  1 
ATOM   241 C CG  . PHE A 1 32 ? 2.724   1.701   4.725   1.00 18.75  ? 32  PHE A CG  1 
ATOM   242 C CD1 . PHE A 1 32 ? 4.029   1.288   5.010   1.00 14.82  ? 32  PHE A CD1 1 
ATOM   243 C CD2 . PHE A 1 32 ? 2.358   3.014   5.006   1.00 18.06  ? 32  PHE A CD2 1 
ATOM   244 C CE1 . PHE A 1 32 ? 4.955   2.191   5.570   1.00 18.29  ? 32  PHE A CE1 1 
ATOM   245 C CE2 . PHE A 1 32 ? 3.278   3.908   5.561   1.00 19.48  ? 32  PHE A CE2 1 
ATOM   246 C CZ  . PHE A 1 32 ? 4.566   3.494   5.841   1.00 19.28  ? 32  PHE A CZ  1 
ATOM   247 N N   . LEU A 1 33 ? 1.360   -1.525  1.734   1.00 14.67  ? 33  LEU A N   1 
ATOM   248 C CA  . LEU A 1 33 ? 0.523   -2.665  1.394   1.00 16.95  ? 33  LEU A CA  1 
ATOM   249 C C   . LEU A 1 33 ? 0.378   -3.489  2.677   1.00 17.90  ? 33  LEU A C   1 
ATOM   250 O O   . LEU A 1 33 ? 1.375   -3.846  3.303   1.00 16.93  ? 33  LEU A O   1 
ATOM   251 C CB  . LEU A 1 33 ? 1.206   -3.504  0.315   1.00 15.80  ? 33  LEU A CB  1 
ATOM   252 C CG  . LEU A 1 33 ? 0.632   -4.901  0.051   1.00 17.58  ? 33  LEU A CG  1 
ATOM   253 C CD1 . LEU A 1 33 ? -0.789  -4.854  -0.497  1.00 17.11  ? 33  LEU A CD1 1 
ATOM   254 C CD2 . LEU A 1 33 ? 1.560   -5.717  -0.863  1.00 20.74  ? 33  LEU A CD2 1 
ATOM   255 N N   . ILE A 1 34 ? -0.864  -3.778  3.056   1.00 16.01  ? 34  ILE A N   1 
ATOM   256 C CA  . ILE A 1 34 ? -1.144  -4.642  4.199   1.00 17.15  ? 34  ILE A CA  1 
ATOM   257 C C   . ILE A 1 34 ? -1.842  -5.878  3.673   1.00 18.36  ? 34  ILE A C   1 
ATOM   258 O O   . ILE A 1 34 ? -2.902  -5.773  3.069   1.00 20.55  ? 34  ILE A O   1 
ATOM   259 C CB  . ILE A 1 34 ? -2.039  -3.946  5.259   1.00 20.64  ? 34  ILE A CB  1 
ATOM   260 C CG1 . ILE A 1 34 ? -1.336  -2.693  5.825   1.00 18.88  ? 34  ILE A CG1 1 
ATOM   261 C CG2 . ILE A 1 34 ? -2.428  -4.963  6.379   1.00 23.11  ? 34  ILE A CG2 1 
ATOM   262 C CD1 . ILE A 1 34 ? -2.213  -1.815  6.717   1.00 24.02  ? 34  ILE A CD1 1 
ATOM   263 N N   . GLN A 1 35 ? -1.235  -7.041  3.909   1.00 18.81  ? 35  GLN A N   1 
ATOM   264 C CA  . GLN A 1 35 ? -1.849  -8.307  3.554   1.00 16.11  ? 35  GLN A CA  1 
ATOM   265 C C   . GLN A 1 35 ? -2.240  -9.015  4.838   1.00 24.52  ? 35  GLN A C   1 
ATOM   266 O O   . GLN A 1 35 ? -1.462  -9.052  5.788   1.00 24.04  ? 35  GLN A O   1 
ATOM   267 C CB  . GLN A 1 35 ? -0.880  -9.191  2.793   1.00 20.91  ? 35  GLN A CB  1 
ATOM   268 C CG  . GLN A 1 35 ? -0.488  -8.708  1.430   1.00 33.37  ? 35  GLN A CG  1 
ATOM   269 C CD  . GLN A 1 35 ? 0.268   -9.782  0.664   1.00 44.02  ? 35  GLN A CD  1 
ATOM   270 O OE1 . GLN A 1 35 ? 1.300   -10.275 1.117   1.00 39.31  ? 35  GLN A OE1 1 
ATOM   271 N NE2 . GLN A 1 35 ? -0.242  -10.148 -0.497  1.00 35.26  ? 35  GLN A NE2 1 
ATOM   272 N N   . TYR A 1 36 ? -3.441  -9.578  4.876   1.00 22.78  ? 36  TYR A N   1 
ATOM   273 C CA  . TYR A 1 36 ? -3.841  -10.326 6.068   1.00 22.19  ? 36  TYR A CA  1 
ATOM   274 C C   . TYR A 1 36 ? -4.749  -11.475 5.714   1.00 26.25  ? 36  TYR A C   1 
ATOM   275 O O   . TYR A 1 36 ? -5.463  -11.420 4.706   1.00 26.11  ? 36  TYR A O   1 
ATOM   276 C CB  . TYR A 1 36 ? -4.491  -9.423  7.132   1.00 20.06  ? 36  TYR A CB  1 
ATOM   277 C CG  . TYR A 1 36 ? -5.885  -8.948  6.805   1.00 26.25  ? 36  TYR A CG  1 
ATOM   278 C CD1 . TYR A 1 36 ? -6.087  -7.884  5.928   1.00 26.01  ? 36  TYR A CD1 1 
ATOM   279 C CD2 . TYR A 1 36 ? -7.014  -9.566  7.376   1.00 22.80  ? 36  TYR A CD2 1 
ATOM   280 C CE1 . TYR A 1 36 ? -7.372  -7.437  5.619   1.00 25.29  ? 36  TYR A CE1 1 
ATOM   281 C CE2 . TYR A 1 36 ? -8.299  -9.126  7.072   1.00 25.25  ? 36  TYR A CE2 1 
ATOM   282 C CZ  . TYR A 1 36 ? -8.470  -8.060  6.193   1.00 34.60  ? 36  TYR A CZ  1 
ATOM   283 O OH  . TYR A 1 36 ? -9.738  -7.613  5.882   1.00 44.23  ? 36  TYR A OH  1 
ATOM   284 N N   . GLN A 1 37 ? -4.712  -12.513 6.548   1.00 23.61  ? 37  GLN A N   1 
ATOM   285 C CA  . GLN A 1 37 ? -5.571  -13.691 6.370   1.00 28.09  ? 37  GLN A CA  1 
ATOM   286 C C   . GLN A 1 37 ? -5.552  -14.503 7.674   1.00 30.44  ? 37  GLN A C   1 
ATOM   287 O O   . GLN A 1 37 ? -4.599  -14.424 8.452   1.00 24.47  ? 37  GLN A O   1 
ATOM   288 C CB  . GLN A 1 37 ? -5.067  -14.562 5.211   1.00 26.53  ? 37  GLN A CB  1 
ATOM   289 C CG  . GLN A 1 37 ? -3.618  -15.018 5.389   1.00 36.47  ? 37  GLN A CG  1 
ATOM   290 C CD  . GLN A 1 37 ? -3.057  -15.712 4.171   1.00 68.92  ? 37  GLN A CD  1 
ATOM   291 O OE1 . GLN A 1 37 ? -3.675  -16.622 3.611   1.00 48.28  ? 37  GLN A OE1 1 
ATOM   292 N NE2 . GLN A 1 37 ? -1.877  -15.285 3.749   1.00 46.67  ? 37  GLN A NE2 1 
ATOM   293 N N   . GLU A 1 38 ? -6.606  -15.277 7.903   1.00 27.47  ? 38  GLU A N   1 
ATOM   294 C CA  . GLU A 1 38 ? -6.641  -16.219 9.027   1.00 30.92  ? 38  GLU A CA  1 
ATOM   295 C C   . GLU A 1 38 ? -5.458  -17.151 8.934   1.00 28.80  ? 38  GLU A C   1 
ATOM   296 O O   . GLU A 1 38 ? -5.202  -17.740 7.877   1.00 33.75  ? 38  GLU A O   1 
ATOM   297 C CB  . GLU A 1 38 ? -7.934  -17.033 9.004   1.00 34.25  ? 38  GLU A CB  1 
ATOM   298 C CG  . GLU A 1 38 ? -9.174  -16.180 8.941   1.00 38.38  ? 38  GLU A CG  1 
ATOM   299 C CD  . GLU A 1 38 ? -10.453 -16.980 9.116   1.00 70.19  ? 38  GLU A CD  1 
ATOM   300 O OE1 . GLU A 1 38 ? -10.372 -18.195 9.389   1.00 43.10  ? 38  GLU A OE1 1 
ATOM   301 O OE2 . GLU A 1 38 ? -11.539 -16.388 8.979   1.00 58.28  ? 38  GLU A OE2 1 
ATOM   302 N N   . SER A 1 39 ? -4.727  -17.295 10.033  1.00 28.54  ? 39  SER A N   1 
ATOM   303 C CA  . SER A 1 39 ? -3.516  -18.111 10.038  1.00 31.07  ? 39  SER A CA  1 
ATOM   304 C C   . SER A 1 39 ? -3.749  -19.580 9.675   1.00 43.74  ? 39  SER A C   1 
ATOM   305 O O   . SER A 1 39 ? -2.841  -20.246 9.157   1.00 44.09  ? 39  SER A O   1 
ATOM   306 C CB  . SER A 1 39 ? -2.832  -18.044 11.400  1.00 32.19  ? 39  SER A CB  1 
ATOM   307 O OG  . SER A 1 39 ? -2.471  -16.712 11.700  1.00 32.89  ? 39  SER A OG  1 
ATOM   308 N N   . GLU A 1 40 ? -4.954  -20.078 9.945   1.00 43.68  ? 40  GLU A N   1 
ATOM   309 C CA  . GLU A 1 40 ? -5.232  -21.510 9.785   1.00 58.21  ? 40  GLU A CA  1 
ATOM   310 C C   . GLU A 1 40 ? -5.975  -21.882 8.502   1.00 62.35  ? 40  GLU A C   1 
ATOM   311 O O   . GLU A 1 40 ? -5.589  -22.835 7.822   1.00 63.79  ? 40  GLU A O   1 
ATOM   312 C CB  . GLU A 1 40 ? -5.930  -22.075 11.028  1.00 58.56  ? 40  GLU A CB  1 
ATOM   313 C CG  . GLU A 1 40 ? -4.989  -22.222 12.230  1.00 71.33  ? 40  GLU A CG  1 
ATOM   314 C CD  . GLU A 1 40 ? -5.649  -22.865 13.438  1.00 180.30 ? 40  GLU A CD  1 
ATOM   315 O OE1 . GLU A 1 40 ? -5.240  -22.538 14.573  1.00 121.31 ? 40  GLU A OE1 1 
ATOM   316 O OE2 . GLU A 1 40 ? -6.569  -23.692 13.262  1.00 119.44 ? 40  GLU A OE2 1 
ATOM   317 N N   . LYS A 1 41 ? -7.030  -21.133 8.177   1.00 65.69  ? 41  LYS A N   1 
ATOM   318 C CA  . LYS A 1 41 ? -7.829  -21.388 6.971   1.00 68.40  ? 41  LYS A CA  1 
ATOM   319 C C   . LYS A 1 41 ? -6.998  -21.344 5.688   1.00 69.36  ? 41  LYS A C   1 
ATOM   320 O O   . LYS A 1 41 ? -6.187  -20.432 5.482   1.00 63.04  ? 41  LYS A O   1 
ATOM   321 C CB  . LYS A 1 41 ? -9.006  -20.414 6.882   1.00 68.58  ? 41  LYS A CB  1 
ATOM   322 N N   . VAL A 1 42 ? -7.213  -22.341 4.829   1.00 74.42  ? 42  VAL A N   1 
ATOM   323 C CA  . VAL A 1 42 ? -6.602  -22.372 3.498   1.00 74.83  ? 42  VAL A CA  1 
ATOM   324 C C   . VAL A 1 42 ? -7.329  -21.343 2.634   1.00 71.95  ? 42  VAL A C   1 
ATOM   325 O O   . VAL A 1 42 ? -8.564  -21.290 2.619   1.00 71.50  ? 42  VAL A O   1 
ATOM   326 C CB  . VAL A 1 42 ? -6.659  -23.796 2.854   1.00 75.76  ? 42  VAL A CB  1 
ATOM   327 C CG1 . VAL A 1 42 ? -5.965  -23.814 1.493   1.00 77.77  ? 42  VAL A CG1 1 
ATOM   328 C CG2 . VAL A 1 42 ? -6.023  -24.841 3.779   1.00 76.97  ? 42  VAL A CG2 1 
ATOM   329 N N   . GLY A 1 43 ? -6.558  -20.528 1.920   1.00 69.51  ? 43  GLY A N   1 
ATOM   330 C CA  . GLY A 1 43 ? -7.124  -19.463 1.100   1.00 64.58  ? 43  GLY A CA  1 
ATOM   331 C C   . GLY A 1 43 ? -6.141  -18.340 0.846   1.00 61.42  ? 43  GLY A C   1 
ATOM   332 O O   . GLY A 1 43 ? -4.944  -18.459 1.138   1.00 57.52  ? 43  GLY A O   1 
ATOM   333 N N   . GLU A 1 44 ? -6.652  -17.243 0.300   1.00 57.51  ? 44  GLU A N   1 
ATOM   334 C CA  . GLU A 1 44 ? -5.796  -16.144 -0.137  1.00 55.72  ? 44  GLU A CA  1 
ATOM   335 C C   . GLU A 1 44 ? -5.774  -14.991 0.859   1.00 45.20  ? 44  GLU A C   1 
ATOM   336 O O   . GLU A 1 44 ? -6.748  -14.749 1.571   1.00 37.42  ? 44  GLU A O   1 
ATOM   337 C CB  . GLU A 1 44 ? -6.245  -15.633 -1.506  1.00 56.39  ? 44  GLU A CB  1 
ATOM   338 C CG  . GLU A 1 44 ? -6.080  -16.640 -2.635  1.00 73.78  ? 44  GLU A CG  1 
ATOM   339 C CD  . GLU A 1 44 ? -6.778  -16.205 -3.903  1.00 140.60 ? 44  GLU A CD  1 
ATOM   340 O OE1 . GLU A 1 44 ? -6.717  -15.001 -4.237  1.00 79.33  ? 44  GLU A OE1 1 
ATOM   341 O OE2 . GLU A 1 44 ? -7.389  -17.067 -4.567  1.00 116.27 ? 44  GLU A OE2 1 
ATOM   342 N N   . ALA A 1 45 ? -4.648  -14.287 0.894   1.00 44.99  ? 45  ALA A N   1 
ATOM   343 C CA  . ALA A 1 45 ? -4.538  -13.042 1.645   1.00 37.19  ? 45  ALA A CA  1 
ATOM   344 C C   . ALA A 1 45 ? -5.523  -12.007 1.095   1.00 35.05  ? 45  ALA A C   1 
ATOM   345 O O   . ALA A 1 45 ? -5.822  -12.003 -0.105  1.00 36.73  ? 45  ALA A O   1 
ATOM   346 C CB  . ALA A 1 45 ? -3.106  -12.523 1.566   1.00 39.56  ? 45  ALA A CB  1 
ATOM   347 N N   . ILE A 1 46 ? -6.025  -11.139 1.972   1.00 27.45  ? 46  ILE A N   1 
ATOM   348 C CA  . ILE A 1 46 ? -6.740  -9.933  1.573   1.00 27.33  ? 46  ILE A CA  1 
ATOM   349 C C   . ILE A 1 46 ? -5.688  -8.828  1.509   1.00 30.65  ? 46  ILE A C   1 
ATOM   350 O O   . ILE A 1 46 ? -4.874  -8.695  2.425   1.00 20.04  ? 46  ILE A O   1 
ATOM   351 C CB  . ILE A 1 46 ? -7.843  -9.558  2.574   1.00 27.88  ? 46  ILE A CB  1 
ATOM   352 C CG1 . ILE A 1 46 ? -8.881  -10.696 2.669   1.00 44.04  ? 46  ILE A CG1 1 
ATOM   353 C CG2 . ILE A 1 46 ? -8.513  -8.230  2.190   1.00 29.63  ? 46  ILE A CG2 1 
ATOM   354 C CD1 . ILE A 1 46 ? -9.867  -10.558 3.826   1.00 49.52  ? 46  ILE A CD1 1 
ATOM   355 N N   . ASN A 1 47 ? -5.712  -8.042  0.430   1.00 26.07  ? 47  ASN A N   1 
ATOM   356 C CA  . ASN A 1 47 ? -4.739  -6.957  0.222   1.00 26.13  ? 47  ASN A CA  1 
ATOM   357 C C   . ASN A 1 47 ? -5.387  -5.608  0.470   1.00 26.92  ? 47  ASN A C   1 
ATOM   358 O O   . ASN A 1 47 ? -6.416  -5.294  -0.119  1.00 29.16  ? 47  ASN A O   1 
ATOM   359 C CB  . ASN A 1 47 ? -4.188  -7.000  -1.212  1.00 29.08  ? 47  ASN A CB  1 
ATOM   360 C CG  . ASN A 1 47 ? -3.541  -8.328  -1.554  1.00 41.15  ? 47  ASN A CG  1 
ATOM   361 O OD1 . ASN A 1 47 ? -4.012  -9.058  -2.425  1.00 55.09  ? 47  ASN A OD1 1 
ATOM   362 N ND2 . ASN A 1 47 ? -2.462  -8.647  -0.871  1.00 31.90  ? 47  ASN A ND2 1 
ATOM   363 N N   . LEU A 1 48 ? -4.782  -4.810  1.344   1.00 23.35  ? 48  LEU A N   1 
ATOM   364 C CA  . LEU A 1 48 ? -5.251  -3.455  1.592   1.00 22.42  ? 48  LEU A CA  1 
ATOM   365 C C   . LEU A 1 48 ? -4.095  -2.517  1.333   1.00 20.78  ? 48  LEU A C   1 
ATOM   366 O O   . LEU A 1 48 ? -2.943  -2.855  1.581   1.00 21.49  ? 48  LEU A O   1 
ATOM   367 C CB  . LEU A 1 48 ? -5.727  -3.275  3.045   1.00 22.78  ? 48  LEU A CB  1 
ATOM   368 C CG  . LEU A 1 48 ? -6.790  -4.239  3.587   1.00 40.74  ? 48  LEU A CG  1 
ATOM   369 C CD1 . LEU A 1 48 ? -6.858  -4.099  5.094   1.00 39.68  ? 48  LEU A CD1 1 
ATOM   370 C CD2 . LEU A 1 48 ? -8.161  -3.999  2.954   1.00 44.67  ? 48  LEU A CD2 1 
ATOM   371 N N   . THR A 1 49 ? -4.403  -1.332  0.831   1.00 18.53  ? 49  THR A N   1 
ATOM   372 C CA  . THR A 1 49 ? -3.366  -0.340  0.587   1.00 21.31  ? 49  THR A CA  1 
ATOM   373 C C   . THR A 1 49 ? -3.778  0.911   1.337   1.00 23.40  ? 49  THR A C   1 
ATOM   374 O O   . THR A 1 49 ? -4.948  1.319   1.292   1.00 24.32  ? 49  THR A O   1 
ATOM   375 C CB  . THR A 1 49 ? -3.204  -0.040  -0.933  1.00 25.51  ? 49  THR A CB  1 
ATOM   376 O OG1 . THR A 1 49 ? -3.037  -1.268  -1.660  1.00 25.60  ? 49  THR A OG1 1 
ATOM   377 C CG2 . THR A 1 49 ? -1.993  0.842   -1.189  1.00 22.38  ? 49  THR A CG2 1 
ATOM   378 N N   . VAL A 1 50 ? -2.823  1.524   2.028   1.00 16.37  ? 50  VAL A N   1 
ATOM   379 C CA  . VAL A 1 50 ? -3.105  2.787   2.724   1.00 16.43  ? 50  VAL A CA  1 
ATOM   380 C C   . VAL A 1 50 ? -2.020  3.792   2.320   1.00 21.60  ? 50  VAL A C   1 
ATOM   381 O O   . VAL A 1 50 ? -0.881  3.380   2.045   1.00 19.37  ? 50  VAL A O   1 
ATOM   382 C CB  . VAL A 1 50 ? -3.145  2.620   4.282   1.00 27.20  ? 50  VAL A CB  1 
ATOM   383 C CG1 . VAL A 1 50 ? -4.205  1.624   4.689   1.00 32.38  ? 50  VAL A CG1 1 
ATOM   384 C CG2 . VAL A 1 50 ? -1.815  2.173   4.820   1.00 23.27  ? 50  VAL A CG2 1 
ATOM   385 N N   . PRO A 1 51 ? -2.359  5.099   2.280   1.00 21.52  ? 51  PRO A N   1 
ATOM   386 C CA  . PRO A 1 51 ? -1.376  6.150   1.944   1.00 21.67  ? 51  PRO A CA  1 
ATOM   387 C C   . PRO A 1 51 ? -0.144  6.136   2.838   1.00 24.47  ? 51  PRO A C   1 
ATOM   388 O O   . PRO A 1 51 ? -0.233  5.766   4.013   1.00 21.15  ? 51  PRO A O   1 
ATOM   389 C CB  . PRO A 1 51 ? -2.160  7.450   2.185   1.00 20.01  ? 51  PRO A CB  1 
ATOM   390 C CG  . PRO A 1 51 ? -3.562  7.067   1.910   1.00 24.03  ? 51  PRO A CG  1 
ATOM   391 C CD  . PRO A 1 51 ? -3.697  5.682   2.519   1.00 22.99  ? 51  PRO A CD  1 
ATOM   392 N N   . GLY A 1 52 ? 0.997   6.539   2.279   1.00 21.32  ? 52  GLY A N   1 
ATOM   393 C CA  . GLY A 1 52 ? 2.264   6.507   3.001   1.00 18.38  ? 52  GLY A CA  1 
ATOM   394 C C   . GLY A 1 52 ? 2.364   7.477   4.166   1.00 19.88  ? 52  GLY A C   1 
ATOM   395 O O   . GLY A 1 52 ? 3.330   7.418   4.942   1.00 20.05  ? 52  GLY A O   1 
ATOM   396 N N   . SER A 1 53 ? 1.373   8.364   4.288   1.00 20.26  ? 53  SER A N   1 
ATOM   397 C CA  . SER A 1 53 ? 1.260   9.264   5.439   1.00 20.25  ? 53  SER A CA  1 
ATOM   398 C C   . SER A 1 53 ? 0.781   8.521   6.708   1.00 19.64  ? 53  SER A C   1 
ATOM   399 O O   . SER A 1 53 ? 0.940   9.015   7.823   1.00 21.57  ? 53  SER A O   1 
ATOM   400 C CB  . SER A 1 53 ? 0.277   10.404  5.113   1.00 23.88  ? 53  SER A CB  1 
ATOM   401 O OG  . SER A 1 53 ? -1.005  9.891   4.751   1.00 25.12  ? 53  SER A OG  1 
ATOM   402 N N   . GLU A 1 54 ? 0.196   7.341   6.528   1.00 20.22  ? 54  GLU A N   1 
ATOM   403 C CA  . GLU A 1 54 ? -0.484  6.651   7.632   1.00 23.11  ? 54  GLU A CA  1 
ATOM   404 C C   . GLU A 1 54 ? 0.443   5.789   8.482   1.00 21.10  ? 54  GLU A C   1 
ATOM   405 O O   . GLU A 1 54 ? 1.442   5.256   7.990   1.00 19.18  ? 54  GLU A O   1 
ATOM   406 C CB  . GLU A 1 54 ? -1.660  5.841   7.087   1.00 22.06  ? 54  GLU A CB  1 
ATOM   407 C CG  . GLU A 1 54 ? -2.667  6.756   6.370   1.00 25.92  ? 54  GLU A CG  1 
ATOM   408 C CD  . GLU A 1 54 ? -3.031  7.985   7.218   1.00 31.24  ? 54  GLU A CD  1 
ATOM   409 O OE1 . GLU A 1 54 ? -3.826  7.830   8.160   1.00 35.58  ? 54  GLU A OE1 1 
ATOM   410 O OE2 . GLU A 1 54 ? -2.530  9.106   6.957   1.00 28.85  ? 54  GLU A OE2 1 
ATOM   411 N N   . ARG A 1 55 ? 0.098   5.663   9.761   1.00 22.05  ? 55  ARG A N   1 
ATOM   412 C CA  . ARG A 1 55 ? 0.865   4.825   10.700  1.00 18.17  ? 55  ARG A CA  1 
ATOM   413 C C   . ARG A 1 55 ? -0.051  3.917   11.520  1.00 21.02  ? 55  ARG A C   1 
ATOM   414 O O   . ARG A 1 55 ? 0.414   3.178   12.402  1.00 17.67  ? 55  ARG A O   1 
ATOM   415 C CB  . ARG A 1 55 ? 1.695   5.704   11.657  1.00 23.56  ? 55  ARG A CB  1 
ATOM   416 C CG  . ARG A 1 55 ? 2.698   6.616   10.971  1.00 25.25  ? 55  ARG A CG  1 
ATOM   417 C CD  . ARG A 1 55 ? 3.881   5.846   10.356  1.00 25.16  ? 55  ARG A CD  1 
ATOM   418 N NE  . ARG A 1 55 ? 4.802   6.818   9.764   1.00 30.17  ? 55  ARG A NE  1 
ATOM   419 C CZ  . ARG A 1 55 ? 4.719   7.283   8.521   1.00 27.21  ? 55  ARG A CZ  1 
ATOM   420 N NH1 . ARG A 1 55 ? 3.748   6.870   7.708   1.00 17.04  ? 55  ARG A NH1 1 
ATOM   421 N NH2 . ARG A 1 55 ? 5.616   8.170   8.093   1.00 27.46  ? 55  ARG A NH2 1 
ATOM   422 N N   . SER A 1 56 ? -1.353  3.964   11.247  1.00 20.13  ? 56  SER A N   1 
ATOM   423 C CA  . SER A 1 56 ? -2.278  2.984   11.831  1.00 23.92  ? 56  SER A CA  1 
ATOM   424 C C   . SER A 1 56 ? -3.373  2.694   10.837  1.00 27.05  ? 56  SER A C   1 
ATOM   425 O O   . SER A 1 56 ? -3.602  3.484   9.910   1.00 25.25  ? 56  SER A O   1 
ATOM   426 C CB  . SER A 1 56 ? -2.879  3.447   13.183  1.00 22.83  ? 56  SER A CB  1 
ATOM   427 O OG  . SER A 1 56 ? -3.547  4.682   13.052  1.00 51.02  ? 56  SER A OG  1 
ATOM   428 N N   . TYR A 1 57 ? -4.042  1.564   11.032  1.00 19.78  ? 57  TYR A N   1 
ATOM   429 C CA  . TYR A 1 57 ? -5.161  1.162   10.191  1.00 20.67  ? 57  TYR A CA  1 
ATOM   430 C C   . TYR A 1 57 ? -6.037  0.187   10.953  1.00 25.96  ? 57  TYR A C   1 
ATOM   431 O O   . TYR A 1 57 ? -5.520  -0.726  11.593  1.00 23.51  ? 57  TYR A O   1 
ATOM   432 C CB  . TYR A 1 57 ? -4.677  0.488   8.918   1.00 21.11  ? 57  TYR A CB  1 
ATOM   433 C CG  . TYR A 1 57 ? -5.811  0.205   7.960   1.00 25.85  ? 57  TYR A CG  1 
ATOM   434 C CD1 . TYR A 1 57 ? -6.324  1.218   7.151   1.00 33.99  ? 57  TYR A CD1 1 
ATOM   435 C CD2 . TYR A 1 57 ? -6.370  -1.065  7.860   1.00 28.67  ? 57  TYR A CD2 1 
ATOM   436 C CE1 . TYR A 1 57 ? -7.371  0.972   6.261   1.00 36.20  ? 57  TYR A CE1 1 
ATOM   437 C CE2 . TYR A 1 57 ? -7.424  -1.320  6.968   1.00 43.06  ? 57  TYR A CE2 1 
ATOM   438 C CZ  . TYR A 1 57 ? -7.911  -0.289  6.176   1.00 37.21  ? 57  TYR A CZ  1 
ATOM   439 O OH  . TYR A 1 57 ? -8.943  -0.508  5.291   1.00 63.75  ? 57  TYR A OH  1 
ATOM   440 N N   . ASP A 1 58 ? -7.356  0.380   10.880  1.00 22.99  ? 58  ASP A N   1 
ATOM   441 C CA  . ASP A 1 58 ? -8.317  -0.519  11.546  1.00 27.98  ? 58  ASP A CA  1 
ATOM   442 C C   . ASP A 1 58 ? -8.767  -1.654  10.638  1.00 32.24  ? 58  ASP A C   1 
ATOM   443 O O   . ASP A 1 58 ? -9.453  -1.413  9.642   1.00 32.68  ? 58  ASP A O   1 
ATOM   444 C CB  . ASP A 1 58 ? -9.565  0.251   12.008  1.00 35.27  ? 58  ASP A CB  1 
ATOM   445 C CG  . ASP A 1 58 ? -9.260  1.300   13.060  1.00 36.94  ? 58  ASP A CG  1 
ATOM   446 O OD1 . ASP A 1 58 ? -8.486  1.008   13.989  1.00 52.99  ? 58  ASP A OD1 1 
ATOM   447 O OD2 . ASP A 1 58 ? -9.798  2.422   12.957  1.00 74.60  ? 58  ASP A OD2 1 
ATOM   448 N N   . LEU A 1 59 ? -8.381  -2.884  10.980  1.00 24.55  ? 59  LEU A N   1 
ATOM   449 C CA  . LEU A 1 59 ? -8.917  -4.085  10.344  1.00 30.17  ? 59  LEU A CA  1 
ATOM   450 C C   . LEU A 1 59 ? -10.292 -4.360  10.943  1.00 33.93  ? 59  LEU A C   1 
ATOM   451 O O   . LEU A 1 59 ? -10.449 -4.331  12.174  1.00 28.91  ? 59  LEU A O   1 
ATOM   452 C CB  . LEU A 1 59 ? -8.000  -5.276  10.609  1.00 29.63  ? 59  LEU A CB  1 
ATOM   453 C CG  . LEU A 1 59 ? -7.077  -5.887  9.559   1.00 47.12  ? 59  LEU A CG  1 
ATOM   454 C CD1 . LEU A 1 59 ? -6.418  -4.862  8.656   1.00 37.67  ? 59  LEU A CD1 1 
ATOM   455 C CD2 . LEU A 1 59 ? -6.043  -6.738  10.272  1.00 30.30  ? 59  LEU A CD2 1 
ATOM   456 N N   . THR A 1 60 ? -11.277 -4.621  10.084  1.00 30.85  ? 60  THR A N   1 
ATOM   457 C CA  . THR A 1 60 ? -12.665 -4.837  10.520  1.00 31.07  ? 60  THR A CA  1 
ATOM   458 C C   . THR A 1 60 ? -13.259 -6.052  9.815   1.00 32.86  ? 60  THR A C   1 
ATOM   459 O O   . THR A 1 60 ? -12.640 -6.621  8.912   1.00 32.05  ? 60  THR A O   1 
ATOM   460 C CB  . THR A 1 60 ? -13.581 -3.604  10.242  1.00 35.42  ? 60  THR A CB  1 
ATOM   461 O OG1 . THR A 1 60 ? -13.597 -3.330  8.837   1.00 34.99  ? 60  THR A OG1 1 
ATOM   462 C CG2 . THR A 1 60 ? -13.113 -2.365  10.999  1.00 37.20  ? 60  THR A CG2 1 
ATOM   463 N N   . GLY A 1 61 ? -14.462 -6.448  10.230  1.00 38.42  ? 61  GLY A N   1 
ATOM   464 C CA  . GLY A 1 61 ? -15.136 -7.606  9.643   1.00 38.41  ? 61  GLY A CA  1 
ATOM   465 C C   . GLY A 1 61 ? -14.449 -8.924  9.966   1.00 37.20  ? 61  GLY A C   1 
ATOM   466 O O   . GLY A 1 61 ? -14.498 -9.867  9.170   1.00 32.11  ? 61  GLY A O   1 
ATOM   467 N N   . LEU A 1 62 ? -13.806 -8.998  11.136  1.00 33.93  ? 62  LEU A N   1 
ATOM   468 C CA  . LEU A 1 62 ? -13.078 -10.206 11.532  1.00 34.67  ? 62  LEU A CA  1 
ATOM   469 C C   . LEU A 1 62 ? -13.932 -11.160 12.385  1.00 34.31  ? 62  LEU A C   1 
ATOM   470 O O   . LEU A 1 62 ? -15.021 -10.791 12.834  1.00 31.91  ? 62  LEU A O   1 
ATOM   471 C CB  . LEU A 1 62 ? -11.775 -9.832  12.268  1.00 33.60  ? 62  LEU A CB  1 
ATOM   472 C CG  . LEU A 1 62 ? -10.831 -8.831  11.576  1.00 28.19  ? 62  LEU A CG  1 
ATOM   473 C CD1 . LEU A 1 62 ? -9.639  -8.526  12.482  1.00 30.62  ? 62  LEU A CD1 1 
ATOM   474 C CD2 . LEU A 1 62 ? -10.356 -9.333  10.220  1.00 24.30  ? 62  LEU A CD2 1 
ATOM   475 N N   . LYS A 1 63 ? -13.420 -12.376 12.592  1.00 33.58  ? 63  LYS A N   1 
ATOM   476 C CA  . LYS A 1 63 ? -14.091 -13.421 13.391  1.00 40.21  ? 63  LYS A CA  1 
ATOM   477 C C   . LYS A 1 63 ? -13.534 -13.464 14.820  1.00 41.25  ? 63  LYS A C   1 
ATOM   478 O O   . LYS A 1 63 ? -12.330 -13.255 15.008  1.00 31.94  ? 63  LYS A O   1 
ATOM   479 C CB  . LYS A 1 63 ? -13.869 -14.793 12.753  1.00 38.84  ? 63  LYS A CB  1 
ATOM   480 C CG  . LYS A 1 63 ? -14.531 -14.989 11.400  1.00 56.35  ? 63  LYS A CG  1 
ATOM   481 C CD  . LYS A 1 63 ? -14.239 -16.383 10.863  1.00 50.87  ? 63  LYS A CD  1 
ATOM   482 C CE  . LYS A 1 63 ? -14.792 -16.557 9.456   1.00 64.32  ? 63  LYS A CE  1 
ATOM   483 N NZ  . LYS A 1 63 ? -14.144 -17.710 8.770   1.00 47.07  ? 63  LYS A NZ  1 
ATOM   484 N N   . PRO A 1 64 ? -14.398 -13.736 15.828  1.00 42.78  ? 64  PRO A N   1 
ATOM   485 C CA  . PRO A 1 64 ? -13.949 -13.785 17.232  1.00 34.70  ? 64  PRO A CA  1 
ATOM   486 C C   . PRO A 1 64 ? -12.929 -14.895 17.485  1.00 31.50  ? 64  PRO A C   1 
ATOM   487 O O   . PRO A 1 64 ? -12.912 -15.900 16.763  1.00 31.25  ? 64  PRO A O   1 
ATOM   488 C CB  . PRO A 1 64 ? -15.238 -14.065 18.027  1.00 39.90  ? 64  PRO A CB  1 
ATOM   489 C CG  . PRO A 1 64 ? -16.370 -13.856 17.080  1.00 43.04  ? 64  PRO A CG  1 
ATOM   490 C CD  . PRO A 1 64 ? -15.844 -14.017 15.691  1.00 43.82  ? 64  PRO A CD  1 
ATOM   491 N N   . GLY A 1 65 ? -12.092 -14.704 18.505  1.00 31.68  ? 65  GLY A N   1 
ATOM   492 C CA  . GLY A 1 65 ? -11.066 -15.678 18.891  1.00 28.06  ? 65  GLY A CA  1 
ATOM   493 C C   . GLY A 1 65 ? -10.280 -16.307 17.755  1.00 31.82  ? 65  GLY A C   1 
ATOM   494 O O   . GLY A 1 65 ? -10.058 -17.520 17.756  1.00 32.28  ? 65  GLY A O   1 
ATOM   495 N N   . THR A 1 66 ? -9.858  -15.487 16.788  1.00 26.53  ? 66  THR A N   1 
ATOM   496 C CA  . THR A 1 66 ? -9.211  -15.985 15.572  1.00 24.24  ? 66  THR A CA  1 
ATOM   497 C C   . THR A 1 66 ? -7.855  -15.319 15.342  1.00 26.76  ? 66  THR A C   1 
ATOM   498 O O   . THR A 1 66 ? -7.729  -14.103 15.471  1.00 23.63  ? 66  THR A O   1 
ATOM   499 C CB  . THR A 1 66 ? -10.110 -15.759 14.313  1.00 29.67  ? 66  THR A CB  1 
ATOM   500 O OG1 . THR A 1 66 ? -11.387 -16.379 14.517  1.00 32.49  ? 66  THR A OG1 1 
ATOM   501 C CG2 . THR A 1 66 ? -9.468  -16.349 13.059  1.00 28.45  ? 66  THR A CG2 1 
ATOM   502 N N   . GLU A 1 67 ? -6.857  -16.125 15.001  1.00 25.47  ? 67  GLU A N   1 
ATOM   503 C CA  . GLU A 1 67 ? -5.521  -15.621 14.726  1.00 26.28  ? 67  GLU A CA  1 
ATOM   504 C C   . GLU A 1 67 ? -5.386  -15.195 13.255  1.00 26.33  ? 67  GLU A C   1 
ATOM   505 O O   . GLU A 1 67 ? -5.762  -15.935 12.338  1.00 26.08  ? 67  GLU A O   1 
ATOM   506 C CB  . GLU A 1 67 ? -4.475  -16.676 15.056  1.00 24.43  ? 67  GLU A CB  1 
ATOM   507 C CG  . GLU A 1 67 ? -3.059  -16.135 14.982  1.00 41.40  ? 67  GLU A CG  1 
ATOM   508 C CD  . GLU A 1 67 ? -2.012  -17.220 15.024  1.00 71.07  ? 67  GLU A CD  1 
ATOM   509 O OE1 . GLU A 1 67 ? -1.965  -17.961 16.029  1.00 76.68  ? 67  GLU A OE1 1 
ATOM   510 O OE2 . GLU A 1 67 ? -1.240  -17.323 14.046  1.00 43.18  ? 67  GLU A OE2 1 
ATOM   511 N N   . TYR A 1 68 ? -4.846  -13.999 13.053  1.00 23.86  ? 68  TYR A N   1 
ATOM   512 C CA  . TYR A 1 68 ? -4.598  -13.461 11.713  1.00 22.32  ? 68  TYR A CA  1 
ATOM   513 C C   . TYR A 1 68 ? -3.111  -13.211 11.505  1.00 22.01  ? 68  TYR A C   1 
ATOM   514 O O   . TYR A 1 68 ? -2.449  -12.620 12.364  1.00 22.26  ? 68  TYR A O   1 
ATOM   515 C CB  . TYR A 1 68 ? -5.384  -12.158 11.531  1.00 23.78  ? 68  TYR A CB  1 
ATOM   516 C CG  . TYR A 1 68 ? -6.869  -12.389 11.466  1.00 29.51  ? 68  TYR A CG  1 
ATOM   517 C CD1 . TYR A 1 68 ? -7.491  -12.669 10.243  1.00 23.98  ? 68  TYR A CD1 1 
ATOM   518 C CD2 . TYR A 1 68 ? -7.661  -12.333 12.622  1.00 25.25  ? 68  TYR A CD2 1 
ATOM   519 C CE1 . TYR A 1 68 ? -8.854  -12.884 10.170  1.00 25.28  ? 68  TYR A CE1 1 
ATOM   520 C CE2 . TYR A 1 68 ? -9.043  -12.551 12.553  1.00 28.36  ? 68  TYR A CE2 1 
ATOM   521 C CZ  . TYR A 1 68 ? -9.624  -12.824 11.321  1.00 32.74  ? 68  TYR A CZ  1 
ATOM   522 O OH  . TYR A 1 68 ? -10.976 -13.041 11.225  1.00 29.59  ? 68  TYR A OH  1 
ATOM   523 N N   . THR A 1 69 ? -2.595  -13.664 10.363  1.00 19.77  ? 69  THR A N   1 
ATOM   524 C CA  . THR A 1 69 ? -1.233  -13.363 9.951   1.00 20.82  ? 69  THR A CA  1 
ATOM   525 C C   . THR A 1 69 ? -1.301  -12.054 9.175   1.00 23.59  ? 69  THR A C   1 
ATOM   526 O O   . THR A 1 69 ? -2.066  -11.952 8.217   1.00 20.88  ? 69  THR A O   1 
ATOM   527 C CB  . THR A 1 69 ? -0.679  -14.489 9.073   1.00 28.26  ? 69  THR A CB  1 
ATOM   528 O OG1 . THR A 1 69 ? -0.693  -15.705 9.829   1.00 30.51  ? 69  THR A OG1 1 
ATOM   529 C CG2 . THR A 1 69 ? 0.753   -14.205 8.633   1.00 28.99  ? 69  THR A CG2 1 
ATOM   530 N N   . VAL A 1 70 ? -0.507  -11.069 9.594   1.00 20.61  ? 70  VAL A N   1 
ATOM   531 C CA  . VAL A 1 70 ? -0.535  -9.725  8.997   1.00 19.70  ? 70  VAL A CA  1 
ATOM   532 C C   . VAL A 1 70 ? 0.864   -9.410  8.496   1.00 23.32  ? 70  VAL A C   1 
ATOM   533 O O   . VAL A 1 70 ? 1.843   -9.567  9.242   1.00 20.58  ? 70  VAL A O   1 
ATOM   534 C CB  . VAL A 1 70 ? -0.980  -8.664  10.043  1.00 23.45  ? 70  VAL A CB  1 
ATOM   535 C CG1 . VAL A 1 70 ? -0.968  -7.247  9.453   1.00 20.57  ? 70  VAL A CG1 1 
ATOM   536 C CG2 . VAL A 1 70 ? -2.359  -9.004  10.604  1.00 19.09  ? 70  VAL A CG2 1 
ATOM   537 N N   . SER A 1 71 ? 0.968   -8.968  7.239   1.00 20.01  ? 71  SER A N   1 
ATOM   538 C CA  . SER A 1 71 ? 2.242   -8.495  6.702   1.00 15.68  ? 71  SER A CA  1 
ATOM   539 C C   . SER A 1 71 ? 2.093   -7.074  6.150   1.00 24.18  ? 71  SER A C   1 
ATOM   540 O O   . SER A 1 71 ? 1.098   -6.760  5.494   1.00 19.93  ? 71  SER A O   1 
ATOM   541 C CB  . SER A 1 71 ? 2.754   -9.441  5.597   1.00 24.84  ? 71  SER A CB  1 
ATOM   542 O OG  . SER A 1 71 ? 3.083   -10.716 6.129   1.00 30.77  ? 71  SER A OG  1 
ATOM   543 N N   . ILE A 1 72 ? 3.082   -6.229  6.420   1.00 16.34  ? 72  ILE A N   1 
ATOM   544 C CA  . ILE A 1 72 ? 3.081   -4.857  5.895   1.00 15.28  ? 72  ILE A CA  1 
ATOM   545 C C   . ILE A 1 72 ? 4.361   -4.584  5.115   1.00 16.83  ? 72  ILE A C   1 
ATOM   546 O O   . ILE A 1 72 ? 5.471   -4.987  5.545   1.00 20.19  ? 72  ILE A O   1 
ATOM   547 C CB  . ILE A 1 72 ? 2.859   -3.800  7.024   1.00 17.74  ? 72  ILE A CB  1 
ATOM   548 C CG1 . ILE A 1 72 ? 2.740   -2.388  6.433   1.00 17.90  ? 72  ILE A CG1 1 
ATOM   549 C CG2 . ILE A 1 72 ? 3.990   -3.821  8.056   1.00 19.21  ? 72  ILE A CG2 1 
ATOM   550 C CD1 . ILE A 1 72 ? 2.119   -1.378  7.376   1.00 18.62  ? 72  ILE A CD1 1 
ATOM   551 N N   . TYR A 1 73 ? 4.206   -3.902  3.971   1.00 16.13  ? 73  TYR A N   1 
ATOM   552 C CA  . TYR A 1 73 ? 5.314   -3.550  3.111   1.00 16.76  ? 73  TYR A CA  1 
ATOM   553 C C   . TYR A 1 73 ? 5.230   -2.061  2.807   1.00 15.92  ? 73  TYR A C   1 
ATOM   554 O O   . TYR A 1 73 ? 4.129   -1.525  2.639   1.00 17.89  ? 73  TYR A O   1 
ATOM   555 C CB  . TYR A 1 73 ? 5.179   -4.214  1.743   1.00 16.02  ? 73  TYR A CB  1 
ATOM   556 C CG  . TYR A 1 73 ? 4.932   -5.702  1.695   1.00 21.30  ? 73  TYR A CG  1 
ATOM   557 C CD1 . TYR A 1 73 ? 3.715   -6.253  2.112   1.00 19.71  ? 73  TYR A CD1 1 
ATOM   558 C CD2 . TYR A 1 73 ? 5.924   -6.562  1.224   1.00 32.49  ? 73  TYR A CD2 1 
ATOM   559 C CE1 . TYR A 1 73 ? 3.493   -7.641  2.061   1.00 28.86  ? 73  TYR A CE1 1 
ATOM   560 C CE2 . TYR A 1 73 ? 5.717   -7.937  1.168   1.00 36.24  ? 73  TYR A CE2 1 
ATOM   561 C CZ  . TYR A 1 73 ? 4.511   -8.468  1.584   1.00 39.04  ? 73  TYR A CZ  1 
ATOM   562 O OH  . TYR A 1 73 ? 4.333   -9.824  1.519   1.00 57.50  ? 73  TYR A OH  1 
ATOM   563 N N   . GLY A 1 74 ? 6.377   -1.402  2.734   1.00 16.80  ? 74  GLY A N   1 
ATOM   564 C CA  . GLY A 1 74 ? 6.432   -0.051  2.151   1.00 15.67  ? 74  GLY A CA  1 
ATOM   565 C C   . GLY A 1 74 ? 6.388   -0.140  0.629   1.00 17.86  ? 74  GLY A C   1 
ATOM   566 O O   . GLY A 1 74 ? 6.947   -1.077  0.035   1.00 21.02  ? 74  GLY A O   1 
ATOM   567 N N   . VAL A 1 75 ? 5.729   0.829   0.000   1.00 17.65  ? 75  VAL A N   1 
ATOM   568 C CA  . VAL A 1 75 ? 5.562   0.851   -1.459  1.00 19.21  ? 75  VAL A CA  1 
ATOM   569 C C   . VAL A 1 75 ? 6.097   2.189   -1.973  1.00 23.10  ? 75  VAL A C   1 
ATOM   570 O O   . VAL A 1 75 ? 5.759   3.236   -1.431  1.00 20.75  ? 75  VAL A O   1 
ATOM   571 C CB  . VAL A 1 75 ? 4.069   0.713   -1.843  1.00 18.01  ? 75  VAL A CB  1 
ATOM   572 C CG1 . VAL A 1 75 ? 3.852   0.737   -3.381  1.00 16.71  ? 75  VAL A CG1 1 
ATOM   573 C CG2 . VAL A 1 75 ? 3.476   -0.599  -1.258  1.00 14.81  ? 75  VAL A CG2 1 
ATOM   574 N N   . LEU A 1 76 ? 6.929   2.145   -3.015  1.00 23.83  ? 76  LEU A N   1 
ATOM   575 C CA  . LEU A 1 76 ? 7.415   3.370   -3.674  1.00 21.72  ? 76  LEU A CA  1 
ATOM   576 C C   . LEU A 1 76 ? 7.026   3.258   -5.145  1.00 22.48  ? 76  LEU A C   1 
ATOM   577 O O   . LEU A 1 76 ? 7.414   2.307   -5.799  1.00 22.31  ? 76  LEU A O   1 
ATOM   578 C CB  . LEU A 1 76 ? 8.944   3.478   -3.543  1.00 26.31  ? 76  LEU A CB  1 
ATOM   579 C CG  . LEU A 1 76 ? 9.654   4.800   -3.904  1.00 50.25  ? 76  LEU A CG  1 
ATOM   580 C CD1 . LEU A 1 76 ? 9.652   5.117   -5.419  1.00 49.73  ? 76  LEU A CD1 1 
ATOM   581 C CD2 . LEU A 1 76 ? 9.100   5.975   -3.101  1.00 34.24  ? 76  LEU A CD2 1 
ATOM   582 N N   . ILE A 1 77 ? 6.267   4.227   -5.648  1.00 21.86  ? 77  ILE A N   1 
ATOM   583 C CA  . ILE A 1 77 ? 5.840   4.239   -7.047  1.00 23.63  ? 77  ILE A CA  1 
ATOM   584 C C   . ILE A 1 77 ? 6.831   5.087   -7.889  1.00 26.18  ? 77  ILE A C   1 
ATOM   585 O O   . ILE A 1 77 ? 6.848   6.312   -7.769  1.00 25.38  ? 77  ILE A O   1 
ATOM   586 C CB  . ILE A 1 77 ? 4.396   4.758   -7.182  1.00 27.73  ? 77  ILE A CB  1 
ATOM   587 C CG1 . ILE A 1 77 ? 3.435   3.884   -6.333  1.00 24.75  ? 77  ILE A CG1 1 
ATOM   588 C CG2 . ILE A 1 77 ? 3.961   4.804   -8.682  1.00 22.48  ? 77  ILE A CG2 1 
ATOM   589 C CD1 . ILE A 1 77 ? 2.038   4.429   -6.238  1.00 37.99  ? 77  ILE A CD1 1 
ATOM   590 N N   . PRO A 1 78 ? 7.654   4.428   -8.734  1.00 26.98  ? 78  PRO A N   1 
ATOM   591 C CA  . PRO A 1 78 ? 8.650   5.205   -9.501  1.00 26.49  ? 78  PRO A CA  1 
ATOM   592 C C   . PRO A 1 78 ? 7.997   6.047   -10.589 1.00 28.41  ? 78  PRO A C   1 
ATOM   593 O O   . PRO A 1 78 ? 6.896   5.723   -11.059 1.00 21.06  ? 78  PRO A O   1 
ATOM   594 C CB  . PRO A 1 78 ? 9.546   4.133   -10.149 1.00 29.22  ? 78  PRO A CB  1 
ATOM   595 C CG  . PRO A 1 78 ? 9.059   2.802   -9.675  1.00 31.23  ? 78  PRO A CG  1 
ATOM   596 C CD  . PRO A 1 78 ? 7.714   2.982   -9.029  1.00 24.36  ? 78  PRO A CD  1 
ATOM   597 N N   . PHE A 1 79 ? 8.672   7.122   -10.988 1.00 28.17  ? 79  PHE A N   1 
ATOM   598 C CA  . PHE A 1 79 ? 8.246   7.889   -12.151 1.00 23.71  ? 79  PHE A CA  1 
ATOM   599 C C   . PHE A 1 79 ? 8.340   6.973   -13.390 1.00 18.13  ? 79  PHE A C   1 
ATOM   600 O O   . PHE A 1 79 ? 9.247   6.139   -13.483 1.00 18.44  ? 79  PHE A O   1 
ATOM   601 C CB  . PHE A 1 79 ? 9.119   9.144   -12.321 1.00 25.65  ? 79  PHE A CB  1 
ATOM   602 C CG  . PHE A 1 79 ? 8.557   10.116  -13.312 1.00 18.44  ? 79  PHE A CG  1 
ATOM   603 C CD1 . PHE A 1 79 ? 7.476   10.914  -12.980 1.00 27.33  ? 79  PHE A CD1 1 
ATOM   604 C CD2 . PHE A 1 79 ? 9.119   10.224  -14.582 1.00 26.22  ? 79  PHE A CD2 1 
ATOM   605 C CE1 . PHE A 1 79 ? 6.952   11.812  -13.892 1.00 29.01  ? 79  PHE A CE1 1 
ATOM   606 C CE2 . PHE A 1 79 ? 8.606   11.119  -15.509 1.00 27.79  ? 79  PHE A CE2 1 
ATOM   607 C CZ  . PHE A 1 79 ? 7.517   11.915  -15.159 1.00 25.66  ? 79  PHE A CZ  1 
ATOM   608 N N   . PRO A 1 80 ? 7.405   7.112   -14.352 1.00 16.46  ? 80  PRO A N   1 
ATOM   609 C CA  . PRO A 1 80 ? 7.546   6.289   -15.567 1.00 16.00  ? 80  PRO A CA  1 
ATOM   610 C C   . PRO A 1 80 ? 8.855   6.519   -16.339 1.00 23.37  ? 80  PRO A C   1 
ATOM   611 O O   . PRO A 1 80 ? 9.433   7.610   -16.283 1.00 24.24  ? 80  PRO A O   1 
ATOM   612 C CB  . PRO A 1 80 ? 6.331   6.699   -16.416 1.00 19.11  ? 80  PRO A CB  1 
ATOM   613 C CG  . PRO A 1 80 ? 5.353   7.221   -15.425 1.00 21.98  ? 80  PRO A CG  1 
ATOM   614 C CD  . PRO A 1 80 ? 6.198   7.953   -14.413 1.00 18.19  ? 80  PRO A CD  1 
ATOM   615 N N   . ASN A 1 81 ? 9.303   5.485   -17.048 1.00 20.88  ? 81  ASN A N   1 
ATOM   616 C CA  . ASN A 1 81 ? 10.460  5.583   -17.937 1.00 24.35  ? 81  ASN A CA  1 
ATOM   617 C C   . ASN A 1 81 ? 9.966   6.172   -19.257 1.00 26.63  ? 81  ASN A C   1 
ATOM   618 O O   . ASN A 1 81 ? 8.959   5.705   -19.791 1.00 22.86  ? 81  ASN A O   1 
ATOM   619 C CB  . ASN A 1 81 ? 11.046  4.184   -18.207 1.00 28.24  ? 81  ASN A CB  1 
ATOM   620 C CG  . ASN A 1 81 ? 11.497  3.457   -16.930 1.00 44.16  ? 81  ASN A CG  1 
ATOM   621 O OD1 . ASN A 1 81 ? 12.100  4.052   -16.037 1.00 35.62  ? 81  ASN A OD1 1 
ATOM   622 N ND2 . ASN A 1 81 ? 11.200  2.163   -16.852 1.00 43.76  ? 81  ASN A ND2 1 
ATOM   623 N N   . LEU A 1 82 ? 10.666  7.182   -19.766 1.00 23.57  ? 82  LEU A N   1 
ATOM   624 C CA  . LEU A 1 82 ? 10.359  7.795   -21.067 1.00 28.78  ? 82  LEU A CA  1 
ATOM   625 C C   . LEU A 1 82 ? 11.480  7.485   -22.047 1.00 36.98  ? 82  LEU A C   1 
ATOM   626 O O   . LEU A 1 82 ? 12.656  7.470   -21.661 1.00 38.68  ? 82  LEU A O   1 
ATOM   627 C CB  . LEU A 1 82 ? 10.258  9.316   -20.951 1.00 34.30  ? 82  LEU A CB  1 
ATOM   628 C CG  . LEU A 1 82 ? 9.007   10.099  -20.572 1.00 39.85  ? 82  LEU A CG  1 
ATOM   629 C CD1 . LEU A 1 82 ? 9.322   11.583  -20.634 1.00 35.62  ? 82  LEU A CD1 1 
ATOM   630 C CD2 . LEU A 1 82 ? 7.823   9.790   -21.480 1.00 27.61  ? 82  LEU A CD2 1 
ATOM   631 N N   . SER A 1 83 ? 11.131  7.238   -23.309 1.00 28.90  ? 83  SER A N   1 
ATOM   632 C CA  . SER A 1 83 ? 12.140  7.174   -24.370 1.00 27.00  ? 83  SER A CA  1 
ATOM   633 C C   . SER A 1 83 ? 12.625  8.589   -24.691 1.00 24.90  ? 83  SER A C   1 
ATOM   634 O O   . SER A 1 83 ? 12.069  9.584   -24.210 1.00 26.47  ? 83  SER A O   1 
ATOM   635 C CB  . SER A 1 83 ? 11.555  6.532   -25.626 1.00 28.42  ? 83  SER A CB  1 
ATOM   636 O OG  . SER A 1 83 ? 10.641  7.432   -26.247 1.00 23.97  ? 83  SER A OG  1 
ATOM   637 N N   . ASN A 1 84 ? 13.670  8.690   -25.508 1.00 34.21  ? 84  ASN A N   1 
ATOM   638 C CA  . ASN A 1 84 ? 13.962  9.946   -26.193 1.00 35.36  ? 84  ASN A CA  1 
ATOM   639 C C   . ASN A 1 84 ? 12.745  10.351  -27.049 1.00 29.56  ? 84  ASN A C   1 
ATOM   640 O O   . ASN A 1 84 ? 12.047  9.477   -27.565 1.00 27.36  ? 84  ASN A O   1 
ATOM   641 C CB  . ASN A 1 84 ? 15.198  9.791   -27.088 1.00 37.49  ? 84  ASN A CB  1 
ATOM   642 C CG  . ASN A 1 84 ? 16.492  9.707   -26.294 1.00 50.12  ? 84  ASN A CG  1 
ATOM   643 O OD1 . ASN A 1 84 ? 16.723  10.493  -25.368 1.00 49.22  ? 84  ASN A OD1 1 
ATOM   644 N ND2 . ASN A 1 84 ? 17.341  8.750   -26.654 1.00 42.97  ? 84  ASN A ND2 1 
ATOM   645 N N   . PRO A 1 85 ? 12.498  11.664  -27.191 1.00 31.51  ? 85  PRO A N   1 
ATOM   646 C CA  . PRO A 1 85 ? 11.409  12.125  -28.058 1.00 30.89  ? 85  PRO A CA  1 
ATOM   647 C C   . PRO A 1 85 ? 11.732  11.991  -29.542 1.00 30.48  ? 85  PRO A C   1 
ATOM   648 O O   . PRO A 1 85 ? 12.890  12.062  -29.932 1.00 32.11  ? 85  PRO A O   1 
ATOM   649 C CB  . PRO A 1 85 ? 11.249  13.604  -27.683 1.00 28.35  ? 85  PRO A CB  1 
ATOM   650 C CG  . PRO A 1 85 ? 12.585  14.015  -27.158 1.00 45.60  ? 85  PRO A CG  1 
ATOM   651 C CD  . PRO A 1 85 ? 13.211  12.784  -26.544 1.00 37.93  ? 85  PRO A CD  1 
ATOM   652 N N   . LEU A 1 86 ? 10.696  11.798  -30.350 1.00 24.91  ? 86  LEU A N   1 
ATOM   653 C CA  . LEU A 1 86 ? 10.797  11.966  -31.796 1.00 24.72  ? 86  LEU A CA  1 
ATOM   654 C C   . LEU A 1 86 ? 9.896   13.145  -32.146 1.00 25.75  ? 86  LEU A C   1 
ATOM   655 O O   . LEU A 1 86 ? 8.711   13.166  -31.753 1.00 19.07  ? 86  LEU A O   1 
ATOM   656 C CB  . LEU A 1 86 ? 10.357  10.717  -32.533 1.00 28.67  ? 86  LEU A CB  1 
ATOM   657 C CG  . LEU A 1 86 ? 10.353  10.857  -34.067 1.00 31.29  ? 86  LEU A CG  1 
ATOM   658 C CD1 . LEU A 1 86 ? 11.738  11.216  -34.629 1.00 37.58  ? 86  LEU A CD1 1 
ATOM   659 C CD2 . LEU A 1 86 ? 9.861   9.597   -34.661 1.00 23.36  ? 86  LEU A CD2 1 
ATOM   660 N N   . SER A 1 87 ? 10.447  14.117  -32.874 1.00 22.06  ? 87  SER A N   1 
ATOM   661 C CA  . SER A 1 87 ? 9.751   15.381  -33.124 1.00 22.85  ? 87  SER A CA  1 
ATOM   662 C C   . SER A 1 87 ? 9.546   15.662  -34.611 1.00 26.09  ? 87  SER A C   1 
ATOM   663 O O   . SER A 1 87 ? 10.311  15.195  -35.451 1.00 26.90  ? 87  SER A O   1 
ATOM   664 C CB  . SER A 1 87 ? 10.507  16.548  -32.483 1.00 29.66  ? 87  SER A CB  1 
ATOM   665 O OG  . SER A 1 87 ? 10.457  16.474  -31.065 1.00 35.86  ? 87  SER A OG  1 
ATOM   666 N N   . ALA A 1 88 ? 8.505   16.431  -34.919 1.00 22.33  ? 88  ALA A N   1 
ATOM   667 C CA  . ALA A 1 88 ? 8.220   16.855  -36.282 1.00 23.96  ? 88  ALA A CA  1 
ATOM   668 C C   . ALA A 1 88 ? 7.462   18.168  -36.228 1.00 27.82  ? 88  ALA A C   1 
ATOM   669 O O   . ALA A 1 88 ? 6.918   18.535  -35.183 1.00 20.45  ? 88  ALA A O   1 
ATOM   670 C CB  . ALA A 1 88 ? 7.383   15.803  -36.988 1.00 24.24  ? 88  ALA A CB  1 
ATOM   671 N N   . GLU A 1 89 ? 7.429   18.875  -37.356 1.00 21.98  ? 89  GLU A N   1 
ATOM   672 C CA  . GLU A 1 89 ? 6.598   20.059  -37.491 1.00 20.42  ? 89  GLU A CA  1 
ATOM   673 C C   . GLU A 1 89 ? 5.603   19.818  -38.601 1.00 23.42  ? 89  GLU A C   1 
ATOM   674 O O   . GLU A 1 89 ? 5.994   19.629  -39.760 1.00 23.35  ? 89  GLU A O   1 
ATOM   675 C CB  . GLU A 1 89 ? 7.447   21.295  -37.815 1.00 25.89  ? 89  GLU A CB  1 
ATOM   676 C CG  . GLU A 1 89 ? 8.490   21.631  -36.756 1.00 35.79  ? 89  GLU A CG  1 
ATOM   677 C CD  . GLU A 1 89 ? 9.468   22.699  -37.211 1.00 177.17 ? 89  GLU A CD  1 
ATOM   678 O OE1 . GLU A 1 89 ? 9.342   23.192  -38.356 1.00 63.10  ? 89  GLU A OE1 1 
ATOM   679 O OE2 . GLU A 1 89 ? 10.366  23.043  -36.416 1.00 65.86  ? 89  GLU A OE2 1 
ATOM   680 N N   . PHE A 1 90 ? 4.317   19.822  -38.252 1.00 19.30  ? 90  PHE A N   1 
ATOM   681 C CA  . PHE A 1 90 ? 3.271   19.578  -39.233 1.00 17.58  ? 90  PHE A CA  1 
ATOM   682 C C   . PHE A 1 90 ? 2.347   20.794  -39.330 1.00 23.16  ? 90  PHE A C   1 
ATOM   683 O O   . PHE A 1 90 ? 2.168   21.527  -38.349 1.00 23.56  ? 90  PHE A O   1 
ATOM   684 C CB  . PHE A 1 90 ? 2.435   18.337  -38.879 1.00 18.77  ? 90  PHE A CB  1 
ATOM   685 C CG  . PHE A 1 90 ? 3.214   17.042  -38.860 1.00 24.21  ? 90  PHE A CG  1 
ATOM   686 C CD1 . PHE A 1 90 ? 4.062   16.691  -39.923 1.00 17.23  ? 90  PHE A CD1 1 
ATOM   687 C CD2 . PHE A 1 90 ? 3.098   16.165  -37.773 1.00 21.28  ? 90  PHE A CD2 1 
ATOM   688 C CE1 . PHE A 1 90 ? 4.780   15.503  -39.913 1.00 21.10  ? 90  PHE A CE1 1 
ATOM   689 C CE2 . PHE A 1 90 ? 3.819   14.962  -37.753 1.00 23.92  ? 90  PHE A CE2 1 
ATOM   690 C CZ  . PHE A 1 90 ? 4.661   14.628  -38.823 1.00 23.32  ? 90  PHE A CZ  1 
ATOM   691 N N   . THR A 1 91 ? 1.768   20.995  -40.511 1.00 23.26  ? 91  THR A N   1 
ATOM   692 C CA  . THR A 1 91 ? 1.050   22.239  -40.820 1.00 19.87  ? 91  THR A CA  1 
ATOM   693 C C   . THR A 1 91 ? -0.343  21.895  -41.336 1.00 17.31  ? 91  THR A C   1 
ATOM   694 O O   . THR A 1 91 ? -0.497  21.100  -42.271 1.00 19.28  ? 91  THR A O   1 
ATOM   695 C CB  . THR A 1 91 ? 1.834   23.100  -41.878 1.00 20.67  ? 91  THR A CB  1 
ATOM   696 O OG1 . THR A 1 91 ? 3.167   23.332  -41.420 1.00 20.17  ? 91  THR A OG1 1 
ATOM   697 C CG2 . THR A 1 91 ? 1.153   24.470  -42.130 1.00 23.53  ? 91  THR A CG2 1 
ATOM   698 N N   . THR A 1 92 ? -1.368  22.497  -40.723 1.00 18.58  ? 92  THR A N   1 
ATOM   699 C CA  . THR A 1 92 ? -2.734  22.263  -41.162 1.00 24.40  ? 92  THR A CA  1 
ATOM   700 C C   . THR A 1 92 ? -2.967  22.976  -42.506 1.00 26.75  ? 92  THR A C   1 
ATOM   701 O O   . THR A 1 92 ? -2.266  23.938  -42.820 1.00 28.01  ? 92  THR A O   1 
ATOM   702 C CB  . THR A 1 92 ? -3.754  22.815  -40.135 1.00 25.77  ? 92  THR A CB  1 
ATOM   703 O OG1 . THR A 1 92 ? -3.384  24.149  -39.789 1.00 26.34  ? 92  THR A OG1 1 
ATOM   704 C CG2 . THR A 1 92 ? -3.781  21.945  -38.863 1.00 26.17  ? 92  THR A CG2 1 
ATOM   705 N N   . GLY A 1 93 ? -3.940  22.498  -43.275 1.00 28.76  ? 93  GLY A N   1 
ATOM   706 C CA  . GLY A 1 93 ? -4.343  23.144  -44.537 1.00 32.64  ? 93  GLY A CA  1 
ATOM   707 C C   . GLY A 1 93 ? -4.954  24.531  -44.365 1.00 35.82  ? 93  GLY A C   1 
ATOM   708 O O   . GLY A 1 93 ? -5.220  24.980  -43.240 1.00 29.16  ? 93  GLY A O   1 
ATOM   709 N N   . GLY A 1 94 ? -5.176  25.212  -45.490 1.00 42.43  ? 94  GLY A N   1 
ATOM   710 C CA  . GLY A 1 94 ? -5.787  26.547  -45.493 1.00 45.63  ? 94  GLY A CA  1 
ATOM   711 C C   . GLY A 1 94 ? -4.811  27.676  -45.204 1.00 47.77  ? 94  GLY A C   1 
ATOM   712 O O   . GLY A 1 94 ? -3.595  27.480  -45.241 1.00 43.81  ? 94  GLY A O   1 
ATOM   713 N N   . HIS A 1 95 ? -5.349  28.862  -44.914 1.00 52.90  ? 95  HIS A N   1 
ATOM   714 C CA  . HIS A 1 95 ? -4.538  30.052  -44.630 1.00 56.16  ? 95  HIS A CA  1 
ATOM   715 C C   . HIS A 1 95 ? -4.796  30.580  -43.215 1.00 58.46  ? 95  HIS A C   1 
ATOM   716 O O   . HIS A 1 95 ? -5.910  30.464  -42.701 1.00 57.35  ? 95  HIS A O   1 
ATOM   717 C CB  . HIS A 1 95 ? -4.808  31.145  -45.679 1.00 56.14  ? 95  HIS A CB  1 
ATOM   718 N N   . HIS A 1 96 ? -3.764  31.155  -42.594 1.00 63.61  ? 96  HIS A N   1 
ATOM   719 C CA  . HIS A 1 96 ? -3.874  31.728  -41.244 1.00 73.14  ? 96  HIS A CA  1 
ATOM   720 C C   . HIS A 1 96 ? -4.633  33.059  -41.253 1.00 80.27  ? 96  HIS A C   1 
ATOM   721 O O   . HIS A 1 96 ? -4.306  33.955  -42.036 1.00 82.92  ? 96  HIS A O   1 
ATOM   722 C CB  . HIS A 1 96 ? -2.483  31.902  -40.617 1.00 72.27  ? 96  HIS A CB  1 
ATOM   723 N N   . HIS A 1 97 ? -5.641  33.182  -40.385 1.00 84.30  ? 97  HIS A N   1 
ATOM   724 C CA  . HIS A 1 97 ? -6.471  34.393  -40.305 1.00 87.11  ? 97  HIS A CA  1 
ATOM   725 C C   . HIS A 1 97 ? -6.398  35.060  -38.933 1.00 87.68  ? 97  HIS A C   1 
ATOM   726 O O   . HIS A 1 97 ? -5.298  35.324  -38.415 1.00 88.47  ? 97  HIS A O   1 
ATOM   727 C CB  . HIS A 1 97 ? -7.922  34.073  -40.664 1.00 87.27  ? 97  HIS A CB  1 
HETATM 728 O O   . HOH B 2 .  ? 10.456  -4.139  13.464  1.00 19.35  ? 201 HOH A O   1 
HETATM 729 O O   . HOH B 2 .  ? 7.018   -5.797  14.569  1.00 20.72  ? 202 HOH A O   1 
HETATM 730 O O   . HOH B 2 .  ? -2.310  -0.329  17.147  1.00 22.54  ? 203 HOH A O   1 
HETATM 731 O O   . HOH B 2 .  ? 5.121   1.007   16.217  1.00 23.23  ? 204 HOH A O   1 
HETATM 732 O O   . HOH B 2 .  ? 6.015   6.902   4.493   1.00 26.54  ? 205 HOH A O   1 
HETATM 733 O O   . HOH B 2 .  ? 0.541   9.646   1.398   1.00 26.62  ? 206 HOH A O   1 
HETATM 734 O O   . HOH B 2 .  ? 8.839   2.319   17.064  1.00 27.29  ? 207 HOH A O   1 
HETATM 735 O O   . HOH B 2 .  ? 5.256   4.289   -12.490 1.00 27.46  ? 208 HOH A O   1 
HETATM 736 O O   . HOH B 2 .  ? -0.007  5.946   -4.282  1.00 27.70  ? 209 HOH A O   1 
HETATM 737 O O   . HOH B 2 .  ? 2.476   4.360   14.923  1.00 27.72  ? 210 HOH A O   1 
HETATM 738 O O   . HOH B 2 .  ? 6.586   6.710   12.273  1.00 28.01  ? 211 HOH A O   1 
HETATM 739 O O   . HOH B 2 .  ? -0.707  21.987  -44.982 1.00 28.02  ? 212 HOH A O   1 
HETATM 740 O O   . HOH B 2 .  ? 4.768   8.159   -10.920 1.00 28.25  ? 213 HOH A O   1 
HETATM 741 O O   . HOH B 2 .  ? -10.567 -2.238  16.587  1.00 28.30  ? 214 HOH A O   1 
HETATM 742 O O   . HOH B 2 .  ? 11.679  7.358   -0.364  1.00 30.48  ? 215 HOH A O   1 
HETATM 743 O O   . HOH B 2 .  ? -4.955  -3.157  -2.145  1.00 30.92  ? 216 HOH A O   1 
HETATM 744 O O   . HOH B 2 .  ? -1.749  7.339   10.923  1.00 32.09  ? 217 HOH A O   1 
HETATM 745 O O   . HOH B 2 .  ? 13.484  14.510  -33.192 1.00 33.22  ? 218 HOH A O   1 
HETATM 746 O O   . HOH B 2 .  ? 5.608   9.643   5.692   1.00 33.41  ? 219 HOH A O   1 
HETATM 747 O O   . HOH B 2 .  ? -6.889  -3.817  23.201  1.00 33.66  ? 220 HOH A O   1 
HETATM 748 O O   . HOH B 2 .  ? -7.756  -8.477  -1.580  1.00 33.70  ? 221 HOH A O   1 
HETATM 749 O O   . HOH B 2 .  ? -8.513  2.690   9.718   1.00 33.81  ? 222 HOH A O   1 
HETATM 750 O O   . HOH B 2 .  ? -6.560  -18.597 12.401  1.00 34.59  ? 223 HOH A O   1 
HETATM 751 O O   . HOH B 2 .  ? 11.160  -4.255  10.822  1.00 34.70  ? 224 HOH A O   1 
HETATM 752 O O   . HOH B 2 .  ? -4.975  5.284   8.381   1.00 34.90  ? 225 HOH A O   1 
HETATM 753 O O   . HOH B 2 .  ? -7.090  2.276   2.526   1.00 36.13  ? 226 HOH A O   1 
HETATM 754 O O   . HOH B 2 .  ? -7.146  -1.033  0.061   1.00 36.27  ? 227 HOH A O   1 
HETATM 755 O O   . HOH B 2 .  ? 13.044  11.803  -22.684 1.00 36.88  ? 228 HOH A O   1 
HETATM 756 O O   . HOH B 2 .  ? -10.394 -4.761  7.190   1.00 36.97  ? 229 HOH A O   1 
HETATM 757 O O   . HOH B 2 .  ? 16.440  0.670   11.880  1.00 37.06  ? 230 HOH A O   1 
HETATM 758 O O   . HOH B 2 .  ? -0.471  0.788   19.444  1.00 37.27  ? 231 HOH A O   1 
HETATM 759 O O   . HOH B 2 .  ? 15.781  2.117   13.899  1.00 37.47  ? 232 HOH A O   1 
HETATM 760 O O   . HOH B 2 .  ? 11.205  13.666  -37.186 1.00 37.52  ? 233 HOH A O   1 
HETATM 761 O O   . HOH B 2 .  ? 3.196   2.608   16.852  1.00 37.75  ? 234 HOH A O   1 
HETATM 762 O O   . HOH B 2 .  ? 7.035   2.862   19.182  1.00 37.77  ? 235 HOH A O   1 
HETATM 763 O O   . HOH B 2 .  ? 1.243   2.380   18.687  1.00 38.43  ? 236 HOH A O   1 
HETATM 764 O O   . HOH B 2 .  ? -7.207  -19.010 15.019  1.00 38.95  ? 237 HOH A O   1 
HETATM 765 O O   . HOH B 2 .  ? 5.309   -7.808  15.265  1.00 39.20  ? 238 HOH A O   1 
HETATM 766 O O   . HOH B 2 .  ? 13.443  -1.368  9.207   1.00 39.20  ? 239 HOH A O   1 
HETATM 767 O O   . HOH B 2 .  ? 6.756   8.581   -5.308  1.00 39.93  ? 240 HOH A O   1 
HETATM 768 O O   . HOH B 2 .  ? 3.419   9.572   1.626   1.00 40.09  ? 241 HOH A O   1 
HETATM 769 O O   . HOH B 2 .  ? 0.228   5.591   15.059  1.00 40.11  ? 242 HOH A O   1 
HETATM 770 O O   . HOH B 2 .  ? 3.383   12.263  5.524   1.00 40.24  ? 243 HOH A O   1 
HETATM 771 O O   . HOH B 2 .  ? 5.180   8.657   -8.316  1.00 40.54  ? 244 HOH A O   1 
HETATM 772 O O   . HOH B 2 .  ? -4.730  2.348   20.081  1.00 40.70  ? 245 HOH A O   1 
HETATM 773 O O   . HOH B 2 .  ? -5.854  -1.184  23.301  1.00 40.93  ? 246 HOH A O   1 
HETATM 774 O O   . HOH B 2 .  ? 2.902   10.026  -2.556  1.00 41.41  ? 247 HOH A O   1 
HETATM 775 O O   . HOH B 2 .  ? -4.306  11.353  7.107   1.00 41.47  ? 248 HOH A O   1 
HETATM 776 O O   . HOH B 2 .  ? 4.628   25.332  -42.370 1.00 41.90  ? 249 HOH A O   1 
HETATM 777 O O   . HOH B 2 .  ? -2.207  -4.619  22.518  1.00 41.93  ? 250 HOH A O   1 
HETATM 778 O O   . HOH B 2 .  ? 11.197  3.968   17.133  1.00 42.22  ? 251 HOH A O   1 
HETATM 779 O O   . HOH B 2 .  ? -15.793 -5.148  12.504  1.00 42.72  ? 252 HOH A O   1 
HETATM 780 O O   . HOH B 2 .  ? 9.194   8.210   6.893   1.00 43.06  ? 253 HOH A O   1 
HETATM 781 O O   . HOH B 2 .  ? 12.578  9.025   1.328   1.00 43.40  ? 254 HOH A O   1 
HETATM 782 O O   . HOH B 2 .  ? -10.646 2.675   5.880   1.00 43.75  ? 255 HOH A O   1 
HETATM 783 O O   . HOH B 2 .  ? -14.969 -17.497 15.541  1.00 43.90  ? 256 HOH A O   1 
HETATM 784 O O   . HOH B 2 .  ? 0.913   -12.489 -1.704  1.00 44.04  ? 257 HOH A O   1 
HETATM 785 O O   . HOH B 2 .  ? 4.501   6.268   14.335  1.00 44.25  ? 258 HOH A O   1 
HETATM 786 O O   . HOH B 2 .  ? -9.747  -7.646  23.679  1.00 44.29  ? 259 HOH A O   1 
HETATM 787 O O   . HOH B 2 .  ? -10.794 -2.483  5.626   1.00 45.31  ? 260 HOH A O   1 
HETATM 788 O O   . HOH B 2 .  ? 1.515   -8.774  -3.686  1.00 45.84  ? 261 HOH A O   1 
HETATM 789 O O   . HOH B 2 .  ? -10.901 0.483   8.416   1.00 46.90  ? 262 HOH A O   1 
HETATM 790 O O   . HOH B 2 .  ? -11.410 -1.088  21.615  1.00 47.09  ? 263 HOH A O   1 
HETATM 791 O O   . HOH B 2 .  ? 14.797  -3.461  6.351   1.00 47.11  ? 264 HOH A O   1 
HETATM 792 O O   . HOH B 2 .  ? -4.130  -12.193 -2.430  1.00 47.40  ? 265 HOH A O   1 
HETATM 793 O O   . HOH B 2 .  ? 11.928  5.561   15.092  1.00 47.61  ? 266 HOH A O   1 
HETATM 794 O O   . HOH B 2 .  ? -1.251  7.165   13.687  1.00 48.11  ? 267 HOH A O   1 
HETATM 795 O O   . HOH B 2 .  ? -5.811  9.741   8.377   1.00 49.04  ? 268 HOH A O   1 
HETATM 796 O O   . HOH B 2 .  ? -11.046 -3.498  22.628  1.00 49.81  ? 269 HOH A O   1 
HETATM 797 O O   . HOH B 2 .  ? 2.549   11.054  8.350   1.00 50.13  ? 270 HOH A O   1 
HETATM 798 O O   . HOH B 2 .  ? 13.473  7.232   -18.192 1.00 50.33  ? 271 HOH A O   1 
HETATM 799 O O   . HOH B 2 .  ? -9.246  -19.303 11.272  1.00 50.63  ? 272 HOH A O   1 
HETATM 800 O O   . HOH B 2 .  ? -0.067  13.344  7.691   1.00 51.11  ? 273 HOH A O   1 
HETATM 801 O O   . HOH B 2 .  ? -2.295  -15.462 -0.892  1.00 51.16  ? 274 HOH A O   1 
HETATM 802 O O   . HOH B 2 .  ? 15.168  7.719   2.105   1.00 51.20  ? 275 HOH A O   1 
HETATM 803 O O   . HOH B 2 .  ? 8.114   5.992   5.873   1.00 51.29  ? 276 HOH A O   1 
HETATM 804 O O   . HOH B 2 .  ? 5.354   4.895   18.103  1.00 51.34  ? 277 HOH A O   1 
HETATM 805 O O   . HOH B 2 .  ? 12.993  15.829  -30.334 1.00 51.52  ? 278 HOH A O   1 
HETATM 806 O O   . HOH B 2 .  ? -0.190  -19.925 13.899  1.00 51.52  ? 279 HOH A O   1 
HETATM 807 O O   . HOH B 2 .  ? -1.264  4.487   17.006  1.00 51.95  ? 280 HOH A O   1 
HETATM 808 O O   . HOH B 2 .  ? -6.530  5.391   10.963  1.00 52.61  ? 281 HOH A O   1 
HETATM 809 O O   . HOH B 2 .  ? -9.291  1.287   3.362   1.00 52.77  ? 282 HOH A O   1 
HETATM 810 O O   . HOH B 2 .  ? -4.052  24.122  -48.180 1.00 52.77  ? 283 HOH A O   1 
HETATM 811 O O   . HOH B 2 .  ? 15.008  2.170   8.921   1.00 53.06  ? 284 HOH A O   1 
HETATM 812 O O   . HOH B 2 .  ? 17.529  2.612   0.440   1.00 53.27  ? 285 HOH A O   1 
HETATM 813 O O   . HOH B 2 .  ? -14.626 -6.682  22.509  1.00 53.45  ? 286 HOH A O   1 
HETATM 814 O O   . HOH B 2 .  ? 3.900   -8.960  -2.659  1.00 53.47  ? 287 HOH A O   1 
HETATM 815 O O   . HOH B 2 .  ? 4.436   -11.160 -3.941  1.00 54.00  ? 288 HOH A O   1 
HETATM 816 O O   . HOH B 2 .  ? -18.714 -4.299  15.930  1.00 54.56  ? 289 HOH A O   1 
HETATM 817 O O   . HOH B 2 .  ? -0.578  9.850   10.395  1.00 54.79  ? 290 HOH A O   1 
HETATM 818 O O   . HOH B 2 .  ? 0.219   -1.525  20.886  0.50 23.19  ? 291 HOH A O   1 
# 
loop_
_pdbx_poly_seq_scheme.asym_id 
_pdbx_poly_seq_scheme.entity_id 
_pdbx_poly_seq_scheme.seq_id 
_pdbx_poly_seq_scheme.mon_id 
_pdbx_poly_seq_scheme.ndb_seq_num 
_pdbx_poly_seq_scheme.pdb_seq_num 
_pdbx_poly_seq_scheme.auth_seq_num 
_pdbx_poly_seq_scheme.pdb_mon_id 
_pdbx_poly_seq_scheme.auth_mon_id 
_pdbx_poly_seq_scheme.pdb_strand_id 
_pdbx_poly_seq_scheme.pdb_ins_code 
_pdbx_poly_seq_scheme.hetero 
A 1 1   MET 1   1   1  MET MET A . n 
A 1 2   LEU 2   2   2  LEU LEU A . n 
A 1 3   PRO 3   3   3  PRO PRO A . n 
A 1 4   ALA 4   4   4  ALA ALA A . n 
A 1 5   PRO 5   5   5  PRO PRO A . n 
A 1 6   LYS 6   6   6  LYS LYS A . n 
A 1 7   ASN 7   7   7  ASN ASN A . n 
A 1 8   LEU 8   8   8  LEU LEU A . n 
A 1 9   VAL 9   9   9  VAL VAL A . n 
A 1 10  VAL 10  10  10 VAL VAL A . n 
A 1 11  SER 11  11  11 SER SER A . n 
A 1 12  GLU 12  12  12 GLU GLU A . n 
A 1 13  VAL 13  13  13 VAL VAL A . n 
A 1 14  THR 14  14  14 THR THR A . n 
A 1 15  GLU 15  15  15 GLU GLU A . n 
A 1 16  ASP 16  16  16 ASP ASP A . n 
A 1 17  SER 17  17  17 SER SER A . n 
A 1 18  LEU 18  18  18 LEU LEU A . n 
A 1 19  ARG 19  19  19 ARG ARG A . n 
A 1 20  LEU 20  20  20 LEU LEU A . n 
A 1 21  SER 21  21  21 SER SER A . n 
A 1 22  TRP 22  22  22 TRP TRP A . n 
A 1 23  THR 23  23  23 THR THR A . n 
A 1 24  ALA 24  24  24 ALA ALA A . n 
A 1 25  PRO 25  25  25 PRO PRO A . n 
A 1 26  ASP 26  26  26 ASP ASP A . n 
A 1 27  ALA 27  27  27 ALA ALA A . n 
A 1 28  ALA 28  28  28 ALA ALA A . n 
A 1 29  PHE 29  29  29 PHE PHE A . n 
A 1 30  ASP 30  30  30 ASP ASP A . n 
A 1 31  SER 31  31  31 SER SER A . n 
A 1 32  PHE 32  32  32 PHE PHE A . n 
A 1 33  LEU 33  33  33 LEU LEU A . n 
A 1 34  ILE 34  34  34 ILE ILE A . n 
A 1 35  GLN 35  35  35 GLN GLN A . n 
A 1 36  TYR 36  36  36 TYR TYR A . n 
A 1 37  GLN 37  37  37 GLN GLN A . n 
A 1 38  GLU 38  38  38 GLU GLU A . n 
A 1 39  SER 39  39  39 SER SER A . n 
A 1 40  GLU 40  40  40 GLU GLU A . n 
A 1 41  LYS 41  41  41 LYS LYS A . n 
A 1 42  VAL 42  42  42 VAL VAL A . n 
A 1 43  GLY 43  43  43 GLY GLY A . n 
A 1 44  GLU 44  44  44 GLU GLU A . n 
A 1 45  ALA 45  45  45 ALA ALA A . n 
A 1 46  ILE 46  46  46 ILE ILE A . n 
A 1 47  ASN 47  47  47 ASN ASN A . n 
A 1 48  LEU 48  48  48 LEU LEU A . n 
A 1 49  THR 49  49  49 THR THR A . n 
A 1 50  VAL 50  50  50 VAL VAL A . n 
A 1 51  PRO 51  51  51 PRO PRO A . n 
A 1 52  GLY 52  52  52 GLY GLY A . n 
A 1 53  SER 53  53  53 SER SER A . n 
A 1 54  GLU 54  54  54 GLU GLU A . n 
A 1 55  ARG 55  55  55 ARG ARG A . n 
A 1 56  SER 56  56  56 SER SER A . n 
A 1 57  TYR 57  57  57 TYR TYR A . n 
A 1 58  ASP 58  58  58 ASP ASP A . n 
A 1 59  LEU 59  59  59 LEU LEU A . n 
A 1 60  THR 60  60  60 THR THR A . n 
A 1 61  GLY 61  61  61 GLY GLY A . n 
A 1 62  LEU 62  62  62 LEU LEU A . n 
A 1 63  LYS 63  63  63 LYS LYS A . n 
A 1 64  PRO 64  64  64 PRO PRO A . n 
A 1 65  GLY 65  65  65 GLY GLY A . n 
A 1 66  THR 66  66  66 THR THR A . n 
A 1 67  GLU 67  67  67 GLU GLU A . n 
A 1 68  TYR 68  68  68 TYR TYR A . n 
A 1 69  THR 69  69  69 THR THR A . n 
A 1 70  VAL 70  70  70 VAL VAL A . n 
A 1 71  SER 71  71  71 SER SER A . n 
A 1 72  ILE 72  72  72 ILE ILE A . n 
A 1 73  TYR 73  73  73 TYR TYR A . n 
A 1 74  GLY 74  74  74 GLY GLY A . n 
A 1 75  VAL 75  75  75 VAL VAL A . n 
A 1 76  LEU 76  76  76 LEU LEU A . n 
A 1 77  ILE 77  77  77 ILE ILE A . n 
A 1 78  PRO 78  78  78 PRO PRO A . n 
A 1 79  PHE 79  79  79 PHE PHE A . n 
A 1 80  PRO 80  80  80 PRO PRO A . n 
A 1 81  ASN 81  81  81 ASN ASN A . n 
A 1 82  LEU 82  82  82 LEU LEU A . n 
A 1 83  SER 83  83  83 SER SER A . n 
A 1 84  ASN 84  84  84 ASN ASN A . n 
A 1 85  PRO 85  85  85 PRO PRO A . n 
A 1 86  LEU 86  86  86 LEU LEU A . n 
A 1 87  SER 87  87  87 SER SER A . n 
A 1 88  ALA 88  88  88 ALA ALA A . n 
A 1 89  GLU 89  89  89 GLU GLU A . n 
A 1 90  PHE 90  90  90 PHE PHE A . n 
A 1 91  THR 91  91  91 THR THR A . n 
A 1 92  THR 92  92  92 THR THR A . n 
A 1 93  GLY 93  93  93 GLY GLY A . n 
A 1 94  GLY 94  94  94 GLY GLY A . n 
A 1 95  HIS 95  95  95 HIS HIS A . n 
A 1 96  HIS 96  96  96 HIS HIS A . n 
A 1 97  HIS 97  97  97 HIS HIS A . n 
A 1 98  HIS 98  98  ?  ?   ?   A . n 
A 1 99  HIS 99  99  ?  ?   ?   A . n 
A 1 100 HIS 100 100 ?  ?   ?   A . n 
# 
loop_
_pdbx_nonpoly_scheme.asym_id 
_pdbx_nonpoly_scheme.entity_id 
_pdbx_nonpoly_scheme.mon_id 
_pdbx_nonpoly_scheme.ndb_seq_num 
_pdbx_nonpoly_scheme.pdb_seq_num 
_pdbx_nonpoly_scheme.auth_seq_num 
_pdbx_nonpoly_scheme.pdb_mon_id 
_pdbx_nonpoly_scheme.auth_mon_id 
_pdbx_nonpoly_scheme.pdb_strand_id 
_pdbx_nonpoly_scheme.pdb_ins_code 
B 2 HOH 1  201 1  HOH HOH A . 
B 2 HOH 2  202 2  HOH HOH A . 
B 2 HOH 3  203 3  HOH HOH A . 
B 2 HOH 4  204 4  HOH HOH A . 
B 2 HOH 5  205 5  HOH HOH A . 
B 2 HOH 6  206 6  HOH HOH A . 
B 2 HOH 7  207 7  HOH HOH A . 
B 2 HOH 8  208 8  HOH HOH A . 
B 2 HOH 9  209 9  HOH HOH A . 
B 2 HOH 10 210 10 HOH HOH A . 
B 2 HOH 11 211 11 HOH HOH A . 
B 2 HOH 12 212 12 HOH HOH A . 
B 2 HOH 13 213 13 HOH HOH A . 
B 2 HOH 14 214 14 HOH HOH A . 
B 2 HOH 15 215 15 HOH HOH A . 
B 2 HOH 16 216 16 HOH HOH A . 
B 2 HOH 17 217 17 HOH HOH A . 
B 2 HOH 18 218 18 HOH HOH A . 
B 2 HOH 19 219 19 HOH HOH A . 
B 2 HOH 20 220 20 HOH HOH A . 
B 2 HOH 21 221 21 HOH HOH A . 
B 2 HOH 22 222 22 HOH HOH A . 
B 2 HOH 23 223 23 HOH HOH A . 
B 2 HOH 24 224 24 HOH HOH A . 
B 2 HOH 25 225 25 HOH HOH A . 
B 2 HOH 26 226 26 HOH HOH A . 
B 2 HOH 27 227 27 HOH HOH A . 
B 2 HOH 28 228 28 HOH HOH A . 
B 2 HOH 29 229 29 HOH HOH A . 
B 2 HOH 30 230 30 HOH HOH A . 
B 2 HOH 31 231 31 HOH HOH A . 
B 2 HOH 32 232 32 HOH HOH A . 
B 2 HOH 33 233 33 HOH HOH A . 
B 2 HOH 34 234 34 HOH HOH A . 
B 2 HOH 35 235 35 HOH HOH A . 
B 2 HOH 36 236 36 HOH HOH A . 
B 2 HOH 37 237 37 HOH HOH A . 
B 2 HOH 38 238 38 HOH HOH A . 
B 2 HOH 39 239 39 HOH HOH A . 
B 2 HOH 40 240 40 HOH HOH A . 
B 2 HOH 41 241 41 HOH HOH A . 
B 2 HOH 42 242 42 HOH HOH A . 
B 2 HOH 43 243 43 HOH HOH A . 
B 2 HOH 44 244 44 HOH HOH A . 
B 2 HOH 45 245 45 HOH HOH A . 
B 2 HOH 46 246 46 HOH HOH A . 
B 2 HOH 47 247 47 HOH HOH A . 
B 2 HOH 48 248 48 HOH HOH A . 
B 2 HOH 49 249 49 HOH HOH A . 
B 2 HOH 50 250 50 HOH HOH A . 
B 2 HOH 51 251 51 HOH HOH A . 
B 2 HOH 52 252 52 HOH HOH A . 
B 2 HOH 53 253 53 HOH HOH A . 
B 2 HOH 54 254 54 HOH HOH A . 
B 2 HOH 55 255 55 HOH HOH A . 
B 2 HOH 56 256 56 HOH HOH A . 
B 2 HOH 57 257 57 HOH HOH A . 
B 2 HOH 58 258 58 HOH HOH A . 
B 2 HOH 59 259 59 HOH HOH A . 
B 2 HOH 60 260 60 HOH HOH A . 
B 2 HOH 61 261 61 HOH HOH A . 
B 2 HOH 62 262 62 HOH HOH A . 
B 2 HOH 63 263 63 HOH HOH A . 
B 2 HOH 64 264 64 HOH HOH A . 
B 2 HOH 65 265 65 HOH HOH A . 
B 2 HOH 66 266 66 HOH HOH A . 
B 2 HOH 67 267 67 HOH HOH A . 
B 2 HOH 68 268 68 HOH HOH A . 
B 2 HOH 69 269 69 HOH HOH A . 
B 2 HOH 70 270 70 HOH HOH A . 
B 2 HOH 71 271 71 HOH HOH A . 
B 2 HOH 72 272 72 HOH HOH A . 
B 2 HOH 73 273 73 HOH HOH A . 
B 2 HOH 74 274 74 HOH HOH A . 
B 2 HOH 75 275 75 HOH HOH A . 
B 2 HOH 76 276 76 HOH HOH A . 
B 2 HOH 77 277 77 HOH HOH A . 
B 2 HOH 78 278 78 HOH HOH A . 
B 2 HOH 79 279 79 HOH HOH A . 
B 2 HOH 80 280 80 HOH HOH A . 
B 2 HOH 81 281 81 HOH HOH A . 
B 2 HOH 82 282 82 HOH HOH A . 
B 2 HOH 83 283 83 HOH HOH A . 
B 2 HOH 84 284 84 HOH HOH A . 
B 2 HOH 85 285 85 HOH HOH A . 
B 2 HOH 86 286 86 HOH HOH A . 
B 2 HOH 87 287 87 HOH HOH A . 
B 2 HOH 88 288 88 HOH HOH A . 
B 2 HOH 89 289 89 HOH HOH A . 
B 2 HOH 90 290 90 HOH HOH A . 
B 2 HOH 91 291 91 HOH HOH A . 
# 
loop_
_pdbx_struct_assembly.id 
_pdbx_struct_assembly.details 
_pdbx_struct_assembly.method_details 
_pdbx_struct_assembly.oligomeric_details 
_pdbx_struct_assembly.oligomeric_count 
1 author_and_software_defined_assembly PISA dimeric   2 
2 software_defined_assembly            PISA hexameric 6 
# 
loop_
_pdbx_struct_assembly_gen.assembly_id 
_pdbx_struct_assembly_gen.oper_expression 
_pdbx_struct_assembly_gen.asym_id_list 
1 1,2         A,B 
2 1,3,4,2,5,6 A,B 
# 
loop_
_pdbx_struct_assembly_prop.biol_id 
_pdbx_struct_assembly_prop.type 
_pdbx_struct_assembly_prop.value 
_pdbx_struct_assembly_prop.details 
1 'ABSA (A^2)' 4220  ? 
1 MORE         -29   ? 
1 'SSA (A^2)'  11070 ? 
2 'ABSA (A^2)' 17680 ? 
2 MORE         -131  ? 
2 'SSA (A^2)'  28180 ? 
# 
loop_
_pdbx_struct_oper_list.id 
_pdbx_struct_oper_list.type 
_pdbx_struct_oper_list.name 
_pdbx_struct_oper_list.symmetry_operation 
_pdbx_struct_oper_list.matrix[1][1] 
_pdbx_struct_oper_list.matrix[1][2] 
_pdbx_struct_oper_list.matrix[1][3] 
_pdbx_struct_oper_list.vector[1] 
_pdbx_struct_oper_list.matrix[2][1] 
_pdbx_struct_oper_list.matrix[2][2] 
_pdbx_struct_oper_list.matrix[2][3] 
_pdbx_struct_oper_list.vector[2] 
_pdbx_struct_oper_list.matrix[3][1] 
_pdbx_struct_oper_list.matrix[3][2] 
_pdbx_struct_oper_list.matrix[3][3] 
_pdbx_struct_oper_list.vector[3] 
1 'identity operation'         1_555  x,y,z                1.0000000000  0.0000000000  0.0000000000  0.0000000000   0.0000000000  1.0000000000  0.0000000000  0.0000000000  0.0000000000  0.0000000000  1.0000000000  0.0000000000   
2 'crystal symmetry operation' 13_454 y-1/4,x+1/4,-z-3/4   0.9161344149  -0.4004911996 -0.0174508734 1.5425988604   -0.4004911996 -0.9162933458 0.0036474065  8.3947854712  -0.0174508734 0.0036474065  -0.9998410691 -23.2773987844 
3 'crystal symmetry operation' 7_454  -z-1/2,-x,y-1/2      -0.4803098943 -0.6499257151 0.5889812987  9.2811907411   0.8255801562  -0.1082488939 0.5538046430  11.5857675895 -0.2961753046 0.7522491222  0.5885587882  -8.1985575135  
4 'crystal symmetry operation' 10_554 -y,z+1/2,-x-1/2      -0.4803098943 0.8255801562  -0.2961753046 -7.5353423408  -0.6499257151 -0.1082488939 0.7522491222  13.4535887484 0.5889812987  0.5538046430  0.5885587882  -7.0573665845  
5 'crystal symmetry operation' 19_444 -x-1/4,-z-1/4,-y-1/4 -0.7654974934 -0.5651939896 0.3075212868  5.5484911385   -0.5651939896 0.3622210288  -0.7411826229 -5.9681149623 0.3075212868  -0.7411826229 -0.5967235354 -15.1998511549 
6 'crystal symmetry operation' 22_554 z+1/4,-y+1/4,x-1/4   -0.1900171328 0.7900307480  -0.5828764075 -10.6256742713 0.7900307480  -0.2294298953 -0.5685185488 -0.9405511677 -0.5828764075 -0.5685185488 -0.5805529719 -16.0405848210 
# 
loop_
_pdbx_audit_revision_history.ordinal 
_pdbx_audit_revision_history.data_content_type 
_pdbx_audit_revision_history.major_revision 
_pdbx_audit_revision_history.minor_revision 
_pdbx_audit_revision_history.revision_date 
1 'Structure model' 1 0 2014-01-29 
2 'Structure model' 1 1 2014-06-25 
3 'Structure model' 1 2 2023-09-20 
# 
_pdbx_audit_revision_details.ordinal             1 
_pdbx_audit_revision_details.revision_ordinal    1 
_pdbx_audit_revision_details.data_content_type   'Structure model' 
_pdbx_audit_revision_details.provider            repository 
_pdbx_audit_revision_details.type                'Initial release' 
_pdbx_audit_revision_details.description         ? 
_pdbx_audit_revision_details.details             ? 
# 
loop_
_pdbx_audit_revision_group.ordinal 
_pdbx_audit_revision_group.revision_ordinal 
_pdbx_audit_revision_group.data_content_type 
_pdbx_audit_revision_group.group 
1 2 'Structure model' 'Database references'    
2 3 'Structure model' 'Data collection'        
3 3 'Structure model' 'Database references'    
4 3 'Structure model' 'Refinement description' 
# 
loop_
_pdbx_audit_revision_category.ordinal 
_pdbx_audit_revision_category.revision_ordinal 
_pdbx_audit_revision_category.data_content_type 
_pdbx_audit_revision_category.category 
1 3 'Structure model' chem_comp_atom                
2 3 'Structure model' chem_comp_bond                
3 3 'Structure model' database_2                    
4 3 'Structure model' pdbx_initial_refinement_model 
# 
loop_
_pdbx_audit_revision_item.ordinal 
_pdbx_audit_revision_item.revision_ordinal 
_pdbx_audit_revision_item.data_content_type 
_pdbx_audit_revision_item.item 
1 3 'Structure model' '_database_2.pdbx_DOI'                
2 3 'Structure model' '_database_2.pdbx_database_accession' 
# 
loop_
_software.name 
_software.classification 
_software.version 
_software.citation_id 
_software.pdbx_ordinal 
StructureStudio 'data collection' .        ? 1 
PHASER          phasing           .        ? 2 
REFMAC          refinement        5.5.0109 ? 3 
XDS             'data reduction'  .        ? 4 
XDS             'data scaling'    .        ? 5 
# 
_pdbx_validate_torsion.id              1 
_pdbx_validate_torsion.PDB_model_num   1 
_pdbx_validate_torsion.auth_comp_id    ASP 
_pdbx_validate_torsion.auth_asym_id    A 
_pdbx_validate_torsion.auth_seq_id     26 
_pdbx_validate_torsion.PDB_ins_code    ? 
_pdbx_validate_torsion.label_alt_id    ? 
_pdbx_validate_torsion.phi             -83.73 
_pdbx_validate_torsion.psi             38.01 
# 
loop_
_pdbx_unobs_or_zero_occ_atoms.id 
_pdbx_unobs_or_zero_occ_atoms.PDB_model_num 
_pdbx_unobs_or_zero_occ_atoms.polymer_flag 
_pdbx_unobs_or_zero_occ_atoms.occupancy_flag 
_pdbx_unobs_or_zero_occ_atoms.auth_asym_id 
_pdbx_unobs_or_zero_occ_atoms.auth_comp_id 
_pdbx_unobs_or_zero_occ_atoms.auth_seq_id 
_pdbx_unobs_or_zero_occ_atoms.PDB_ins_code 
_pdbx_unobs_or_zero_occ_atoms.auth_atom_id 
_pdbx_unobs_or_zero_occ_atoms.label_alt_id 
_pdbx_unobs_or_zero_occ_atoms.label_asym_id 
_pdbx_unobs_or_zero_occ_atoms.label_comp_id 
_pdbx_unobs_or_zero_occ_atoms.label_seq_id 
_pdbx_unobs_or_zero_occ_atoms.label_atom_id 
1  1 Y 1 A LYS 41 ? CG  ? A LYS 41 CG  
2  1 Y 1 A LYS 41 ? CD  ? A LYS 41 CD  
3  1 Y 1 A LYS 41 ? CE  ? A LYS 41 CE  
4  1 Y 1 A LYS 41 ? NZ  ? A LYS 41 NZ  
5  1 Y 1 A HIS 95 ? CG  ? A HIS 95 CG  
6  1 Y 1 A HIS 95 ? ND1 ? A HIS 95 ND1 
7  1 Y 1 A HIS 95 ? CD2 ? A HIS 95 CD2 
8  1 Y 1 A HIS 95 ? CE1 ? A HIS 95 CE1 
9  1 Y 1 A HIS 95 ? NE2 ? A HIS 95 NE2 
10 1 Y 1 A HIS 96 ? CG  ? A HIS 96 CG  
11 1 Y 1 A HIS 96 ? ND1 ? A HIS 96 ND1 
12 1 Y 1 A HIS 96 ? CD2 ? A HIS 96 CD2 
13 1 Y 1 A HIS 96 ? CE1 ? A HIS 96 CE1 
14 1 Y 1 A HIS 96 ? NE2 ? A HIS 96 NE2 
15 1 Y 1 A HIS 97 ? CG  ? A HIS 97 CG  
16 1 Y 1 A HIS 97 ? ND1 ? A HIS 97 ND1 
17 1 Y 1 A HIS 97 ? CD2 ? A HIS 97 CD2 
18 1 Y 1 A HIS 97 ? CE1 ? A HIS 97 CE1 
19 1 Y 1 A HIS 97 ? NE2 ? A HIS 97 NE2 
# 
loop_
_pdbx_unobs_or_zero_occ_residues.id 
_pdbx_unobs_or_zero_occ_residues.PDB_model_num 
_pdbx_unobs_or_zero_occ_residues.polymer_flag 
_pdbx_unobs_or_zero_occ_residues.occupancy_flag 
_pdbx_unobs_or_zero_occ_residues.auth_asym_id 
_pdbx_unobs_or_zero_occ_residues.auth_comp_id 
_pdbx_unobs_or_zero_occ_residues.auth_seq_id 
_pdbx_unobs_or_zero_occ_residues.PDB_ins_code 
_pdbx_unobs_or_zero_occ_residues.label_asym_id 
_pdbx_unobs_or_zero_occ_residues.label_comp_id 
_pdbx_unobs_or_zero_occ_residues.label_seq_id 
1 1 Y 1 A HIS 98  ? A HIS 98  
2 1 Y 1 A HIS 99  ? A HIS 99  
3 1 Y 1 A HIS 100 ? A HIS 100 
# 
loop_
_chem_comp_atom.comp_id 
_chem_comp_atom.atom_id 
_chem_comp_atom.type_symbol 
_chem_comp_atom.pdbx_aromatic_flag 
_chem_comp_atom.pdbx_stereo_config 
_chem_comp_atom.pdbx_ordinal 
ALA N    N N N 1   
ALA CA   C N S 2   
ALA C    C N N 3   
ALA O    O N N 4   
ALA CB   C N N 5   
ALA OXT  O N N 6   
ALA H    H N N 7   
ALA H2   H N N 8   
ALA HA   H N N 9   
ALA HB1  H N N 10  
ALA HB2  H N N 11  
ALA HB3  H N N 12  
ALA HXT  H N N 13  
ARG N    N N N 14  
ARG CA   C N S 15  
ARG C    C N N 16  
ARG O    O N N 17  
ARG CB   C N N 18  
ARG CG   C N N 19  
ARG CD   C N N 20  
ARG NE   N N N 21  
ARG CZ   C N N 22  
ARG NH1  N N N 23  
ARG NH2  N N N 24  
ARG OXT  O N N 25  
ARG H    H N N 26  
ARG H2   H N N 27  
ARG HA   H N N 28  
ARG HB2  H N N 29  
ARG HB3  H N N 30  
ARG HG2  H N N 31  
ARG HG3  H N N 32  
ARG HD2  H N N 33  
ARG HD3  H N N 34  
ARG HE   H N N 35  
ARG HH11 H N N 36  
ARG HH12 H N N 37  
ARG HH21 H N N 38  
ARG HH22 H N N 39  
ARG HXT  H N N 40  
ASN N    N N N 41  
ASN CA   C N S 42  
ASN C    C N N 43  
ASN O    O N N 44  
ASN CB   C N N 45  
ASN CG   C N N 46  
ASN OD1  O N N 47  
ASN ND2  N N N 48  
ASN OXT  O N N 49  
ASN H    H N N 50  
ASN H2   H N N 51  
ASN HA   H N N 52  
ASN HB2  H N N 53  
ASN HB3  H N N 54  
ASN HD21 H N N 55  
ASN HD22 H N N 56  
ASN HXT  H N N 57  
ASP N    N N N 58  
ASP CA   C N S 59  
ASP C    C N N 60  
ASP O    O N N 61  
ASP CB   C N N 62  
ASP CG   C N N 63  
ASP OD1  O N N 64  
ASP OD2  O N N 65  
ASP OXT  O N N 66  
ASP H    H N N 67  
ASP H2   H N N 68  
ASP HA   H N N 69  
ASP HB2  H N N 70  
ASP HB3  H N N 71  
ASP HD2  H N N 72  
ASP HXT  H N N 73  
GLN N    N N N 74  
GLN CA   C N S 75  
GLN C    C N N 76  
GLN O    O N N 77  
GLN CB   C N N 78  
GLN CG   C N N 79  
GLN CD   C N N 80  
GLN OE1  O N N 81  
GLN NE2  N N N 82  
GLN OXT  O N N 83  
GLN H    H N N 84  
GLN H2   H N N 85  
GLN HA   H N N 86  
GLN HB2  H N N 87  
GLN HB3  H N N 88  
GLN HG2  H N N 89  
GLN HG3  H N N 90  
GLN HE21 H N N 91  
GLN HE22 H N N 92  
GLN HXT  H N N 93  
GLU N    N N N 94  
GLU CA   C N S 95  
GLU C    C N N 96  
GLU O    O N N 97  
GLU CB   C N N 98  
GLU CG   C N N 99  
GLU CD   C N N 100 
GLU OE1  O N N 101 
GLU OE2  O N N 102 
GLU OXT  O N N 103 
GLU H    H N N 104 
GLU H2   H N N 105 
GLU HA   H N N 106 
GLU HB2  H N N 107 
GLU HB3  H N N 108 
GLU HG2  H N N 109 
GLU HG3  H N N 110 
GLU HE2  H N N 111 
GLU HXT  H N N 112 
GLY N    N N N 113 
GLY CA   C N N 114 
GLY C    C N N 115 
GLY O    O N N 116 
GLY OXT  O N N 117 
GLY H    H N N 118 
GLY H2   H N N 119 
GLY HA2  H N N 120 
GLY HA3  H N N 121 
GLY HXT  H N N 122 
HIS N    N N N 123 
HIS CA   C N S 124 
HIS C    C N N 125 
HIS O    O N N 126 
HIS CB   C N N 127 
HIS CG   C Y N 128 
HIS ND1  N Y N 129 
HIS CD2  C Y N 130 
HIS CE1  C Y N 131 
HIS NE2  N Y N 132 
HIS OXT  O N N 133 
HIS H    H N N 134 
HIS H2   H N N 135 
HIS HA   H N N 136 
HIS HB2  H N N 137 
HIS HB3  H N N 138 
HIS HD1  H N N 139 
HIS HD2  H N N 140 
HIS HE1  H N N 141 
HIS HE2  H N N 142 
HIS HXT  H N N 143 
HOH O    O N N 144 
HOH H1   H N N 145 
HOH H2   H N N 146 
ILE N    N N N 147 
ILE CA   C N S 148 
ILE C    C N N 149 
ILE O    O N N 150 
ILE CB   C N S 151 
ILE CG1  C N N 152 
ILE CG2  C N N 153 
ILE CD1  C N N 154 
ILE OXT  O N N 155 
ILE H    H N N 156 
ILE H2   H N N 157 
ILE HA   H N N 158 
ILE HB   H N N 159 
ILE HG12 H N N 160 
ILE HG13 H N N 161 
ILE HG21 H N N 162 
ILE HG22 H N N 163 
ILE HG23 H N N 164 
ILE HD11 H N N 165 
ILE HD12 H N N 166 
ILE HD13 H N N 167 
ILE HXT  H N N 168 
LEU N    N N N 169 
LEU CA   C N S 170 
LEU C    C N N 171 
LEU O    O N N 172 
LEU CB   C N N 173 
LEU CG   C N N 174 
LEU CD1  C N N 175 
LEU CD2  C N N 176 
LEU OXT  O N N 177 
LEU H    H N N 178 
LEU H2   H N N 179 
LEU HA   H N N 180 
LEU HB2  H N N 181 
LEU HB3  H N N 182 
LEU HG   H N N 183 
LEU HD11 H N N 184 
LEU HD12 H N N 185 
LEU HD13 H N N 186 
LEU HD21 H N N 187 
LEU HD22 H N N 188 
LEU HD23 H N N 189 
LEU HXT  H N N 190 
LYS N    N N N 191 
LYS CA   C N S 192 
LYS C    C N N 193 
LYS O    O N N 194 
LYS CB   C N N 195 
LYS CG   C N N 196 
LYS CD   C N N 197 
LYS CE   C N N 198 
LYS NZ   N N N 199 
LYS OXT  O N N 200 
LYS H    H N N 201 
LYS H2   H N N 202 
LYS HA   H N N 203 
LYS HB2  H N N 204 
LYS HB3  H N N 205 
LYS HG2  H N N 206 
LYS HG3  H N N 207 
LYS HD2  H N N 208 
LYS HD3  H N N 209 
LYS HE2  H N N 210 
LYS HE3  H N N 211 
LYS HZ1  H N N 212 
LYS HZ2  H N N 213 
LYS HZ3  H N N 214 
LYS HXT  H N N 215 
MET N    N N N 216 
MET CA   C N S 217 
MET C    C N N 218 
MET O    O N N 219 
MET CB   C N N 220 
MET CG   C N N 221 
MET SD   S N N 222 
MET CE   C N N 223 
MET OXT  O N N 224 
MET H    H N N 225 
MET H2   H N N 226 
MET HA   H N N 227 
MET HB2  H N N 228 
MET HB3  H N N 229 
MET HG2  H N N 230 
MET HG3  H N N 231 
MET HE1  H N N 232 
MET HE2  H N N 233 
MET HE3  H N N 234 
MET HXT  H N N 235 
PHE N    N N N 236 
PHE CA   C N S 237 
PHE C    C N N 238 
PHE O    O N N 239 
PHE CB   C N N 240 
PHE CG   C Y N 241 
PHE CD1  C Y N 242 
PHE CD2  C Y N 243 
PHE CE1  C Y N 244 
PHE CE2  C Y N 245 
PHE CZ   C Y N 246 
PHE OXT  O N N 247 
PHE H    H N N 248 
PHE H2   H N N 249 
PHE HA   H N N 250 
PHE HB2  H N N 251 
PHE HB3  H N N 252 
PHE HD1  H N N 253 
PHE HD2  H N N 254 
PHE HE1  H N N 255 
PHE HE2  H N N 256 
PHE HZ   H N N 257 
PHE HXT  H N N 258 
PRO N    N N N 259 
PRO CA   C N S 260 
PRO C    C N N 261 
PRO O    O N N 262 
PRO CB   C N N 263 
PRO CG   C N N 264 
PRO CD   C N N 265 
PRO OXT  O N N 266 
PRO H    H N N 267 
PRO HA   H N N 268 
PRO HB2  H N N 269 
PRO HB3  H N N 270 
PRO HG2  H N N 271 
PRO HG3  H N N 272 
PRO HD2  H N N 273 
PRO HD3  H N N 274 
PRO HXT  H N N 275 
SER N    N N N 276 
SER CA   C N S 277 
SER C    C N N 278 
SER O    O N N 279 
SER CB   C N N 280 
SER OG   O N N 281 
SER OXT  O N N 282 
SER H    H N N 283 
SER H2   H N N 284 
SER HA   H N N 285 
SER HB2  H N N 286 
SER HB3  H N N 287 
SER HG   H N N 288 
SER HXT  H N N 289 
THR N    N N N 290 
THR CA   C N S 291 
THR C    C N N 292 
THR O    O N N 293 
THR CB   C N R 294 
THR OG1  O N N 295 
THR CG2  C N N 296 
THR OXT  O N N 297 
THR H    H N N 298 
THR H2   H N N 299 
THR HA   H N N 300 
THR HB   H N N 301 
THR HG1  H N N 302 
THR HG21 H N N 303 
THR HG22 H N N 304 
THR HG23 H N N 305 
THR HXT  H N N 306 
TRP N    N N N 307 
TRP CA   C N S 308 
TRP C    C N N 309 
TRP O    O N N 310 
TRP CB   C N N 311 
TRP CG   C Y N 312 
TRP CD1  C Y N 313 
TRP CD2  C Y N 314 
TRP NE1  N Y N 315 
TRP CE2  C Y N 316 
TRP CE3  C Y N 317 
TRP CZ2  C Y N 318 
TRP CZ3  C Y N 319 
TRP CH2  C Y N 320 
TRP OXT  O N N 321 
TRP H    H N N 322 
TRP H2   H N N 323 
TRP HA   H N N 324 
TRP HB2  H N N 325 
TRP HB3  H N N 326 
TRP HD1  H N N 327 
TRP HE1  H N N 328 
TRP HE3  H N N 329 
TRP HZ2  H N N 330 
TRP HZ3  H N N 331 
TRP HH2  H N N 332 
TRP HXT  H N N 333 
TYR N    N N N 334 
TYR CA   C N S 335 
TYR C    C N N 336 
TYR O    O N N 337 
TYR CB   C N N 338 
TYR CG   C Y N 339 
TYR CD1  C Y N 340 
TYR CD2  C Y N 341 
TYR CE1  C Y N 342 
TYR CE2  C Y N 343 
TYR CZ   C Y N 344 
TYR OH   O N N 345 
TYR OXT  O N N 346 
TYR H    H N N 347 
TYR H2   H N N 348 
TYR HA   H N N 349 
TYR HB2  H N N 350 
TYR HB3  H N N 351 
TYR HD1  H N N 352 
TYR HD2  H N N 353 
TYR HE1  H N N 354 
TYR HE2  H N N 355 
TYR HH   H N N 356 
TYR HXT  H N N 357 
VAL N    N N N 358 
VAL CA   C N S 359 
VAL C    C N N 360 
VAL O    O N N 361 
VAL CB   C N N 362 
VAL CG1  C N N 363 
VAL CG2  C N N 364 
VAL OXT  O N N 365 
VAL H    H N N 366 
VAL H2   H N N 367 
VAL HA   H N N 368 
VAL HB   H N N 369 
VAL HG11 H N N 370 
VAL HG12 H N N 371 
VAL HG13 H N N 372 
VAL HG21 H N N 373 
VAL HG22 H N N 374 
VAL HG23 H N N 375 
VAL HXT  H N N 376 
# 
loop_
_chem_comp_bond.comp_id 
_chem_comp_bond.atom_id_1 
_chem_comp_bond.atom_id_2 
_chem_comp_bond.value_order 
_chem_comp_bond.pdbx_aromatic_flag 
_chem_comp_bond.pdbx_stereo_config 
_chem_comp_bond.pdbx_ordinal 
ALA N   CA   sing N N 1   
ALA N   H    sing N N 2   
ALA N   H2   sing N N 3   
ALA CA  C    sing N N 4   
ALA CA  CB   sing N N 5   
ALA CA  HA   sing N N 6   
ALA C   O    doub N N 7   
ALA C   OXT  sing N N 8   
ALA CB  HB1  sing N N 9   
ALA CB  HB2  sing N N 10  
ALA CB  HB3  sing N N 11  
ALA OXT HXT  sing N N 12  
ARG N   CA   sing N N 13  
ARG N   H    sing N N 14  
ARG N   H2   sing N N 15  
ARG CA  C    sing N N 16  
ARG CA  CB   sing N N 17  
ARG CA  HA   sing N N 18  
ARG C   O    doub N N 19  
ARG C   OXT  sing N N 20  
ARG CB  CG   sing N N 21  
ARG CB  HB2  sing N N 22  
ARG CB  HB3  sing N N 23  
ARG CG  CD   sing N N 24  
ARG CG  HG2  sing N N 25  
ARG CG  HG3  sing N N 26  
ARG CD  NE   sing N N 27  
ARG CD  HD2  sing N N 28  
ARG CD  HD3  sing N N 29  
ARG NE  CZ   sing N N 30  
ARG NE  HE   sing N N 31  
ARG CZ  NH1  sing N N 32  
ARG CZ  NH2  doub N N 33  
ARG NH1 HH11 sing N N 34  
ARG NH1 HH12 sing N N 35  
ARG NH2 HH21 sing N N 36  
ARG NH2 HH22 sing N N 37  
ARG OXT HXT  sing N N 38  
ASN N   CA   sing N N 39  
ASN N   H    sing N N 40  
ASN N   H2   sing N N 41  
ASN CA  C    sing N N 42  
ASN CA  CB   sing N N 43  
ASN CA  HA   sing N N 44  
ASN C   O    doub N N 45  
ASN C   OXT  sing N N 46  
ASN CB  CG   sing N N 47  
ASN CB  HB2  sing N N 48  
ASN CB  HB3  sing N N 49  
ASN CG  OD1  doub N N 50  
ASN CG  ND2  sing N N 51  
ASN ND2 HD21 sing N N 52  
ASN ND2 HD22 sing N N 53  
ASN OXT HXT  sing N N 54  
ASP N   CA   sing N N 55  
ASP N   H    sing N N 56  
ASP N   H2   sing N N 57  
ASP CA  C    sing N N 58  
ASP CA  CB   sing N N 59  
ASP CA  HA   sing N N 60  
ASP C   O    doub N N 61  
ASP C   OXT  sing N N 62  
ASP CB  CG   sing N N 63  
ASP CB  HB2  sing N N 64  
ASP CB  HB3  sing N N 65  
ASP CG  OD1  doub N N 66  
ASP CG  OD2  sing N N 67  
ASP OD2 HD2  sing N N 68  
ASP OXT HXT  sing N N 69  
GLN N   CA   sing N N 70  
GLN N   H    sing N N 71  
GLN N   H2   sing N N 72  
GLN CA  C    sing N N 73  
GLN CA  CB   sing N N 74  
GLN CA  HA   sing N N 75  
GLN C   O    doub N N 76  
GLN C   OXT  sing N N 77  
GLN CB  CG   sing N N 78  
GLN CB  HB2  sing N N 79  
GLN CB  HB3  sing N N 80  
GLN CG  CD   sing N N 81  
GLN CG  HG2  sing N N 82  
GLN CG  HG3  sing N N 83  
GLN CD  OE1  doub N N 84  
GLN CD  NE2  sing N N 85  
GLN NE2 HE21 sing N N 86  
GLN NE2 HE22 sing N N 87  
GLN OXT HXT  sing N N 88  
GLU N   CA   sing N N 89  
GLU N   H    sing N N 90  
GLU N   H2   sing N N 91  
GLU CA  C    sing N N 92  
GLU CA  CB   sing N N 93  
GLU CA  HA   sing N N 94  
GLU C   O    doub N N 95  
GLU C   OXT  sing N N 96  
GLU CB  CG   sing N N 97  
GLU CB  HB2  sing N N 98  
GLU CB  HB3  sing N N 99  
GLU CG  CD   sing N N 100 
GLU CG  HG2  sing N N 101 
GLU CG  HG3  sing N N 102 
GLU CD  OE1  doub N N 103 
GLU CD  OE2  sing N N 104 
GLU OE2 HE2  sing N N 105 
GLU OXT HXT  sing N N 106 
GLY N   CA   sing N N 107 
GLY N   H    sing N N 108 
GLY N   H2   sing N N 109 
GLY CA  C    sing N N 110 
GLY CA  HA2  sing N N 111 
GLY CA  HA3  sing N N 112 
GLY C   O    doub N N 113 
GLY C   OXT  sing N N 114 
GLY OXT HXT  sing N N 115 
HIS N   CA   sing N N 116 
HIS N   H    sing N N 117 
HIS N   H2   sing N N 118 
HIS CA  C    sing N N 119 
HIS CA  CB   sing N N 120 
HIS CA  HA   sing N N 121 
HIS C   O    doub N N 122 
HIS C   OXT  sing N N 123 
HIS CB  CG   sing N N 124 
HIS CB  HB2  sing N N 125 
HIS CB  HB3  sing N N 126 
HIS CG  ND1  sing Y N 127 
HIS CG  CD2  doub Y N 128 
HIS ND1 CE1  doub Y N 129 
HIS ND1 HD1  sing N N 130 
HIS CD2 NE2  sing Y N 131 
HIS CD2 HD2  sing N N 132 
HIS CE1 NE2  sing Y N 133 
HIS CE1 HE1  sing N N 134 
HIS NE2 HE2  sing N N 135 
HIS OXT HXT  sing N N 136 
HOH O   H1   sing N N 137 
HOH O   H2   sing N N 138 
ILE N   CA   sing N N 139 
ILE N   H    sing N N 140 
ILE N   H2   sing N N 141 
ILE CA  C    sing N N 142 
ILE CA  CB   sing N N 143 
ILE CA  HA   sing N N 144 
ILE C   O    doub N N 145 
ILE C   OXT  sing N N 146 
ILE CB  CG1  sing N N 147 
ILE CB  CG2  sing N N 148 
ILE CB  HB   sing N N 149 
ILE CG1 CD1  sing N N 150 
ILE CG1 HG12 sing N N 151 
ILE CG1 HG13 sing N N 152 
ILE CG2 HG21 sing N N 153 
ILE CG2 HG22 sing N N 154 
ILE CG2 HG23 sing N N 155 
ILE CD1 HD11 sing N N 156 
ILE CD1 HD12 sing N N 157 
ILE CD1 HD13 sing N N 158 
ILE OXT HXT  sing N N 159 
LEU N   CA   sing N N 160 
LEU N   H    sing N N 161 
LEU N   H2   sing N N 162 
LEU CA  C    sing N N 163 
LEU CA  CB   sing N N 164 
LEU CA  HA   sing N N 165 
LEU C   O    doub N N 166 
LEU C   OXT  sing N N 167 
LEU CB  CG   sing N N 168 
LEU CB  HB2  sing N N 169 
LEU CB  HB3  sing N N 170 
LEU CG  CD1  sing N N 171 
LEU CG  CD2  sing N N 172 
LEU CG  HG   sing N N 173 
LEU CD1 HD11 sing N N 174 
LEU CD1 HD12 sing N N 175 
LEU CD1 HD13 sing N N 176 
LEU CD2 HD21 sing N N 177 
LEU CD2 HD22 sing N N 178 
LEU CD2 HD23 sing N N 179 
LEU OXT HXT  sing N N 180 
LYS N   CA   sing N N 181 
LYS N   H    sing N N 182 
LYS N   H2   sing N N 183 
LYS CA  C    sing N N 184 
LYS CA  CB   sing N N 185 
LYS CA  HA   sing N N 186 
LYS C   O    doub N N 187 
LYS C   OXT  sing N N 188 
LYS CB  CG   sing N N 189 
LYS CB  HB2  sing N N 190 
LYS CB  HB3  sing N N 191 
LYS CG  CD   sing N N 192 
LYS CG  HG2  sing N N 193 
LYS CG  HG3  sing N N 194 
LYS CD  CE   sing N N 195 
LYS CD  HD2  sing N N 196 
LYS CD  HD3  sing N N 197 
LYS CE  NZ   sing N N 198 
LYS CE  HE2  sing N N 199 
LYS CE  HE3  sing N N 200 
LYS NZ  HZ1  sing N N 201 
LYS NZ  HZ2  sing N N 202 
LYS NZ  HZ3  sing N N 203 
LYS OXT HXT  sing N N 204 
MET N   CA   sing N N 205 
MET N   H    sing N N 206 
MET N   H2   sing N N 207 
MET CA  C    sing N N 208 
MET CA  CB   sing N N 209 
MET CA  HA   sing N N 210 
MET C   O    doub N N 211 
MET C   OXT  sing N N 212 
MET CB  CG   sing N N 213 
MET CB  HB2  sing N N 214 
MET CB  HB3  sing N N 215 
MET CG  SD   sing N N 216 
MET CG  HG2  sing N N 217 
MET CG  HG3  sing N N 218 
MET SD  CE   sing N N 219 
MET CE  HE1  sing N N 220 
MET CE  HE2  sing N N 221 
MET CE  HE3  sing N N 222 
MET OXT HXT  sing N N 223 
PHE N   CA   sing N N 224 
PHE N   H    sing N N 225 
PHE N   H2   sing N N 226 
PHE CA  C    sing N N 227 
PHE CA  CB   sing N N 228 
PHE CA  HA   sing N N 229 
PHE C   O    doub N N 230 
PHE C   OXT  sing N N 231 
PHE CB  CG   sing N N 232 
PHE CB  HB2  sing N N 233 
PHE CB  HB3  sing N N 234 
PHE CG  CD1  doub Y N 235 
PHE CG  CD2  sing Y N 236 
PHE CD1 CE1  sing Y N 237 
PHE CD1 HD1  sing N N 238 
PHE CD2 CE2  doub Y N 239 
PHE CD2 HD2  sing N N 240 
PHE CE1 CZ   doub Y N 241 
PHE CE1 HE1  sing N N 242 
PHE CE2 CZ   sing Y N 243 
PHE CE2 HE2  sing N N 244 
PHE CZ  HZ   sing N N 245 
PHE OXT HXT  sing N N 246 
PRO N   CA   sing N N 247 
PRO N   CD   sing N N 248 
PRO N   H    sing N N 249 
PRO CA  C    sing N N 250 
PRO CA  CB   sing N N 251 
PRO CA  HA   sing N N 252 
PRO C   O    doub N N 253 
PRO C   OXT  sing N N 254 
PRO CB  CG   sing N N 255 
PRO CB  HB2  sing N N 256 
PRO CB  HB3  sing N N 257 
PRO CG  CD   sing N N 258 
PRO CG  HG2  sing N N 259 
PRO CG  HG3  sing N N 260 
PRO CD  HD2  sing N N 261 
PRO CD  HD3  sing N N 262 
PRO OXT HXT  sing N N 263 
SER N   CA   sing N N 264 
SER N   H    sing N N 265 
SER N   H2   sing N N 266 
SER CA  C    sing N N 267 
SER CA  CB   sing N N 268 
SER CA  HA   sing N N 269 
SER C   O    doub N N 270 
SER C   OXT  sing N N 271 
SER CB  OG   sing N N 272 
SER CB  HB2  sing N N 273 
SER CB  HB3  sing N N 274 
SER OG  HG   sing N N 275 
SER OXT HXT  sing N N 276 
THR N   CA   sing N N 277 
THR N   H    sing N N 278 
THR N   H2   sing N N 279 
THR CA  C    sing N N 280 
THR CA  CB   sing N N 281 
THR CA  HA   sing N N 282 
THR C   O    doub N N 283 
THR C   OXT  sing N N 284 
THR CB  OG1  sing N N 285 
THR CB  CG2  sing N N 286 
THR CB  HB   sing N N 287 
THR OG1 HG1  sing N N 288 
THR CG2 HG21 sing N N 289 
THR CG2 HG22 sing N N 290 
THR CG2 HG23 sing N N 291 
THR OXT HXT  sing N N 292 
TRP N   CA   sing N N 293 
TRP N   H    sing N N 294 
TRP N   H2   sing N N 295 
TRP CA  C    sing N N 296 
TRP CA  CB   sing N N 297 
TRP CA  HA   sing N N 298 
TRP C   O    doub N N 299 
TRP C   OXT  sing N N 300 
TRP CB  CG   sing N N 301 
TRP CB  HB2  sing N N 302 
TRP CB  HB3  sing N N 303 
TRP CG  CD1  doub Y N 304 
TRP CG  CD2  sing Y N 305 
TRP CD1 NE1  sing Y N 306 
TRP CD1 HD1  sing N N 307 
TRP CD2 CE2  doub Y N 308 
TRP CD2 CE3  sing Y N 309 
TRP NE1 CE2  sing Y N 310 
TRP NE1 HE1  sing N N 311 
TRP CE2 CZ2  sing Y N 312 
TRP CE3 CZ3  doub Y N 313 
TRP CE3 HE3  sing N N 314 
TRP CZ2 CH2  doub Y N 315 
TRP CZ2 HZ2  sing N N 316 
TRP CZ3 CH2  sing Y N 317 
TRP CZ3 HZ3  sing N N 318 
TRP CH2 HH2  sing N N 319 
TRP OXT HXT  sing N N 320 
TYR N   CA   sing N N 321 
TYR N   H    sing N N 322 
TYR N   H2   sing N N 323 
TYR CA  C    sing N N 324 
TYR CA  CB   sing N N 325 
TYR CA  HA   sing N N 326 
TYR C   O    doub N N 327 
TYR C   OXT  sing N N 328 
TYR CB  CG   sing N N 329 
TYR CB  HB2  sing N N 330 
TYR CB  HB3  sing N N 331 
TYR CG  CD1  doub Y N 332 
TYR CG  CD2  sing Y N 333 
TYR CD1 CE1  sing Y N 334 
TYR CD1 HD1  sing N N 335 
TYR CD2 CE2  doub Y N 336 
TYR CD2 HD2  sing N N 337 
TYR CE1 CZ   doub Y N 338 
TYR CE1 HE1  sing N N 339 
TYR CE2 CZ   sing Y N 340 
TYR CE2 HE2  sing N N 341 
TYR CZ  OH   sing N N 342 
TYR OH  HH   sing N N 343 
TYR OXT HXT  sing N N 344 
VAL N   CA   sing N N 345 
VAL N   H    sing N N 346 
VAL N   H2   sing N N 347 
VAL CA  C    sing N N 348 
VAL CA  CB   sing N N 349 
VAL CA  HA   sing N N 350 
VAL C   O    doub N N 351 
VAL C   OXT  sing N N 352 
VAL CB  CG1  sing N N 353 
VAL CB  CG2  sing N N 354 
VAL CB  HB   sing N N 355 
VAL CG1 HG11 sing N N 356 
VAL CG1 HG12 sing N N 357 
VAL CG1 HG13 sing N N 358 
VAL CG2 HG21 sing N N 359 
VAL CG2 HG22 sing N N 360 
VAL CG2 HG23 sing N N 361 
VAL OXT HXT  sing N N 362 
# 
_pdbx_entity_nonpoly.entity_id   2 
_pdbx_entity_nonpoly.name        water 
_pdbx_entity_nonpoly.comp_id     HOH 
# 
_pdbx_initial_refinement_model.id               1 
_pdbx_initial_refinement_model.entity_id_list   ? 
_pdbx_initial_refinement_model.type             'experimental model' 
_pdbx_initial_refinement_model.source_name      PDB 
_pdbx_initial_refinement_model.accession_code   3TES 
_pdbx_initial_refinement_model.details          'PDB ENTRY 3TES' 
# 
